data_8WC0
#
_entry.id   8WC0
#
_cell.length_a   250.640
_cell.length_b   250.640
_cell.length_c   50.701
_cell.angle_alpha   90.00
_cell.angle_beta   90.00
_cell.angle_gamma   90.00
#
_symmetry.space_group_name_H-M   'P 42 21 2'
#
loop_
_entity.id
_entity.type
_entity.pdbx_description
1 polymer 'NAD(+) hydrolase ThsA'
2 non-polymer GLYCEROL
3 non-polymer 'SULFATE ION'
4 non-polymer 'SODIUM ION'
5 water water
#
_entity_poly.entity_id   1
_entity_poly.type   'polypeptide(L)'
_entity_poly.pdbx_seq_one_letter_code
;ASGSMSVQFSAEVEAFIRTYVKDLEEGVAAVFAGAGLSRTSGFVNWSELLREIAEELGLSVELEHDLISVAQYHVNKNNS
STGLARKILEEFSEQAEPSEAHKILARLPIRTYWTTNYDTLIEDSLKENYRVADIKRRTDDLISTRPKRDAVVYKMHGDV
SSPGDAILYKAQYEQYYKTHEGFVTALSGDLISKTFLFIGFSFTDPNLDYILSRLHVPEKHRRRHYCFLRKEPSLPQGNE
DEAGAMYRQRRQEHHIRDLLRFGIQAVLVNEYDDIPLILKEIESRFLKKTIFISGSAEEYGAWDKQEALNFVHILSSSLV
KNGYRVVNGFGWGIGSAVINGALEAIYSKPDKYSEEQLIMRPFPQHSSNDKALSELWDEYRQRMIGLSGIAIFLFGNKLH
DGRIVNADGVRREFQIAQETGVVVLPLGVTGYMAKELADEMLTDPSKHFVRYPWLEKEVAQLADLSANRANIEMKVLEIL
KKLGG
;
_entity_poly.pdbx_strand_id   A,B
#
# COMPACT_ATOMS: atom_id res chain seq x y z
N GLN A 8 9.98 5.57 35.63
CA GLN A 8 10.77 6.66 35.09
C GLN A 8 12.21 6.21 34.85
N PHE A 9 12.72 6.52 33.65
CA PHE A 9 14.05 6.11 33.23
C PHE A 9 15.02 7.28 33.34
N SER A 10 16.28 7.03 32.99
CA SER A 10 17.28 8.09 32.98
C SER A 10 16.87 9.18 32.00
N ALA A 11 17.46 10.37 32.18
CA ALA A 11 17.14 11.49 31.29
C ALA A 11 17.43 11.15 29.84
N GLU A 12 18.52 10.40 29.59
CA GLU A 12 18.88 10.05 28.23
C GLU A 12 17.89 9.07 27.64
N VAL A 13 17.59 7.99 28.36
CA VAL A 13 16.58 7.03 27.88
C VAL A 13 15.26 7.74 27.65
N GLU A 14 14.85 8.57 28.60
CA GLU A 14 13.60 9.31 28.47
C GLU A 14 13.59 10.15 27.20
N ALA A 15 14.71 10.78 26.86
CA ALA A 15 14.78 11.55 25.63
C ALA A 15 14.74 10.66 24.40
N PHE A 16 15.31 9.45 24.49
CA PHE A 16 15.18 8.48 23.41
C PHE A 16 13.72 8.09 23.23
N ILE A 17 13.03 7.80 24.33
CA ILE A 17 11.62 7.41 24.25
C ILE A 17 10.82 8.48 23.52
N ARG A 18 10.94 9.74 23.96
CA ARG A 18 10.17 10.80 23.35
C ARG A 18 10.47 10.93 21.87
N THR A 19 11.74 10.81 21.49
CA THR A 19 12.13 11.00 20.09
C THR A 19 11.56 9.88 19.23
N TYR A 20 11.68 8.63 19.69
CA TYR A 20 11.22 7.50 18.89
C TYR A 20 9.69 7.50 18.78
N VAL A 21 9.00 7.87 19.86
CA VAL A 21 7.55 7.98 19.79
C VAL A 21 7.16 8.95 18.68
N LYS A 22 7.81 10.12 18.64
CA LYS A 22 7.49 11.09 17.60
C LYS A 22 7.88 10.57 16.22
N ASP A 23 9.02 9.87 16.12
CA ASP A 23 9.42 9.33 14.82
C ASP A 23 8.49 8.19 14.39
N LEU A 24 8.01 7.39 15.33
CA LEU A 24 6.96 6.42 15.00
C LEU A 24 5.73 7.15 14.43
N GLU A 25 5.24 8.15 15.16
CA GLU A 25 4.08 8.91 14.70
C GLU A 25 4.32 9.48 13.31
N GLU A 26 5.52 10.00 13.05
CA GLU A 26 5.81 10.60 11.75
C GLU A 26 6.01 9.55 10.66
N GLY A 27 6.22 8.29 11.02
CA GLY A 27 6.43 7.25 10.03
C GLY A 27 7.84 7.11 9.54
N VAL A 28 8.81 7.67 10.25
CA VAL A 28 10.21 7.57 9.87
C VAL A 28 11.00 6.64 10.76
N ALA A 29 10.36 5.99 11.74
CA ALA A 29 11.06 5.07 12.61
C ALA A 29 11.43 3.80 11.84
N ALA A 30 12.64 3.30 12.11
CA ALA A 30 13.15 2.09 11.47
C ALA A 30 13.87 1.25 12.51
N VAL A 31 14.05 -0.03 12.21
CA VAL A 31 14.72 -0.97 13.08
C VAL A 31 15.86 -1.62 12.29
N PHE A 32 16.98 -1.87 12.97
CA PHE A 32 18.07 -2.68 12.44
C PHE A 32 18.35 -3.78 13.45
N ALA A 33 18.01 -5.02 13.09
CA ALA A 33 17.95 -6.12 14.04
C ALA A 33 19.17 -7.02 13.91
N GLY A 34 19.85 -7.24 15.04
CA GLY A 34 20.95 -8.18 15.12
C GLY A 34 20.56 -9.47 15.82
N ALA A 35 21.56 -10.33 16.01
CA ALA A 35 21.29 -11.67 16.52
C ALA A 35 20.63 -11.63 17.88
N GLY A 36 20.98 -10.65 18.71
CA GLY A 36 20.43 -10.59 20.05
C GLY A 36 18.91 -10.53 20.07
N LEU A 37 18.31 -9.93 19.04
CA LEU A 37 16.86 -9.82 19.00
C LEU A 37 16.18 -11.16 18.80
N SER A 38 16.90 -12.17 18.31
CA SER A 38 16.36 -13.50 18.08
C SER A 38 16.74 -14.47 19.20
N ARG A 39 17.01 -13.95 20.39
CA ARG A 39 17.24 -14.75 21.58
C ARG A 39 16.49 -14.13 22.75
N THR A 40 15.79 -14.97 23.52
CA THR A 40 15.09 -14.45 24.69
C THR A 40 16.05 -13.82 25.68
N SER A 41 17.29 -14.33 25.75
CA SER A 41 18.30 -13.75 26.61
C SER A 41 18.78 -12.39 26.12
N GLY A 42 18.60 -12.10 24.83
CA GLY A 42 18.97 -10.82 24.28
C GLY A 42 20.39 -10.72 23.78
N PHE A 43 21.17 -11.80 23.82
CA PHE A 43 22.55 -11.75 23.36
C PHE A 43 22.98 -13.14 22.89
N VAL A 44 24.13 -13.16 22.21
CA VAL A 44 24.70 -14.38 21.66
C VAL A 44 26.13 -14.53 22.17
N ASN A 45 26.54 -15.77 22.46
CA ASN A 45 27.92 -16.09 22.83
C ASN A 45 28.63 -16.57 21.57
N TRP A 46 29.41 -15.69 20.96
CA TRP A 46 29.99 -15.98 19.65
C TRP A 46 31.14 -16.96 19.74
N SER A 47 31.95 -16.88 20.80
CA SER A 47 33.06 -17.81 20.94
C SER A 47 32.58 -19.25 21.00
N GLU A 48 31.46 -19.49 21.67
CA GLU A 48 30.94 -20.85 21.75
C GLU A 48 30.37 -21.32 20.43
N LEU A 49 29.82 -20.40 19.62
CA LEU A 49 29.28 -20.80 18.32
C LEU A 49 30.40 -21.29 17.40
N LEU A 50 31.58 -20.68 17.50
CA LEU A 50 32.71 -21.04 16.64
C LEU A 50 33.66 -22.02 17.30
N ARG A 51 33.36 -22.48 18.52
CA ARG A 51 34.32 -23.30 19.27
C ARG A 51 34.81 -24.49 18.44
N GLU A 52 33.88 -25.23 17.83
CA GLU A 52 34.28 -26.44 17.13
C GLU A 52 34.85 -26.15 15.75
N ILE A 53 34.40 -25.07 15.09
CA ILE A 53 35.06 -24.64 13.87
C ILE A 53 36.55 -24.44 14.11
N ALA A 54 36.89 -23.68 15.16
CA ALA A 54 38.28 -23.45 15.49
C ALA A 54 39.00 -24.76 15.81
N GLU A 55 38.38 -25.63 16.60
CA GLU A 55 39.03 -26.87 16.98
C GLU A 55 39.38 -27.71 15.76
N GLU A 56 38.52 -27.67 14.73
CA GLU A 56 38.80 -28.41 13.51
C GLU A 56 40.02 -27.88 12.77
N LEU A 57 40.41 -26.63 12.98
CA LEU A 57 41.62 -26.11 12.34
C LEU A 57 42.82 -26.17 13.26
N GLY A 58 42.66 -26.73 14.47
CA GLY A 58 43.76 -26.75 15.43
C GLY A 58 43.92 -25.48 16.21
N LEU A 59 42.95 -24.59 16.16
CA LEU A 59 42.94 -23.34 16.89
C LEU A 59 41.91 -23.41 18.01
N SER A 60 41.81 -22.32 18.75
CA SER A 60 40.96 -22.28 19.94
C SER A 60 40.37 -20.88 20.09
N VAL A 61 39.06 -20.83 20.35
CA VAL A 61 38.39 -19.56 20.51
C VAL A 61 38.89 -18.83 21.75
N GLU A 62 39.57 -19.54 22.66
CA GLU A 62 40.19 -18.86 23.79
C GLU A 62 41.31 -17.94 23.34
N LEU A 63 42.07 -18.35 22.33
CA LEU A 63 43.23 -17.58 21.89
C LEU A 63 42.99 -16.83 20.59
N GLU A 64 42.00 -17.22 19.78
CA GLU A 64 41.64 -16.49 18.58
C GLU A 64 40.63 -15.41 18.93
N HIS A 65 41.01 -14.15 18.68
CA HIS A 65 40.12 -13.02 18.93
C HIS A 65 39.40 -12.57 17.68
N ASP A 66 39.86 -13.00 16.50
CA ASP A 66 39.25 -12.64 15.23
C ASP A 66 38.53 -13.87 14.69
N LEU A 67 37.24 -13.97 14.99
CA LEU A 67 36.45 -15.11 14.57
C LEU A 67 36.04 -15.03 13.11
N ILE A 68 35.98 -13.84 12.53
CA ILE A 68 35.73 -13.73 11.09
C ILE A 68 36.83 -14.45 10.31
N SER A 69 38.08 -14.28 10.73
CA SER A 69 39.19 -14.91 10.04
C SER A 69 39.21 -16.41 10.28
N VAL A 70 38.86 -16.84 11.49
CA VAL A 70 38.77 -18.27 11.77
C VAL A 70 37.79 -18.95 10.83
N ALA A 71 36.62 -18.34 10.64
CA ALA A 71 35.63 -18.91 9.72
C ALA A 71 36.17 -18.96 8.30
N GLN A 72 36.91 -17.93 7.88
CA GLN A 72 37.50 -17.94 6.55
C GLN A 72 38.55 -19.03 6.43
N TYR A 73 39.35 -19.25 7.47
CA TYR A 73 40.33 -20.33 7.44
C TYR A 73 39.64 -21.69 7.30
N HIS A 74 38.45 -21.84 7.88
CA HIS A 74 37.70 -23.09 7.72
C HIS A 74 37.28 -23.28 6.27
N VAL A 75 36.79 -22.21 5.63
CA VAL A 75 36.43 -22.28 4.22
C VAL A 75 37.66 -22.58 3.37
N ASN A 76 38.77 -21.91 3.67
CA ASN A 76 39.99 -22.13 2.89
C ASN A 76 40.44 -23.58 2.97
N LYS A 77 40.51 -24.12 4.19
CA LYS A 77 41.01 -25.48 4.37
C LYS A 77 40.12 -26.48 3.64
N ASN A 78 38.81 -26.38 3.83
CA ASN A 78 37.88 -27.33 3.24
C ASN A 78 37.46 -26.96 1.82
N ASN A 79 37.87 -25.79 1.31
CA ASN A 79 37.49 -25.36 -0.03
C ASN A 79 35.96 -25.35 -0.18
N SER A 80 35.27 -25.05 0.91
CA SER A 80 33.82 -25.18 0.96
C SER A 80 33.32 -24.55 2.25
N SER A 81 32.12 -23.96 2.18
CA SER A 81 31.46 -23.40 3.34
C SER A 81 30.41 -24.34 3.92
N THR A 82 30.38 -25.59 3.46
CA THR A 82 29.36 -26.53 3.93
C THR A 82 29.43 -26.72 5.43
N GLY A 83 30.60 -27.09 5.95
CA GLY A 83 30.74 -27.28 7.38
C GLY A 83 30.48 -26.00 8.16
N LEU A 84 31.03 -24.89 7.69
CA LEU A 84 30.80 -23.61 8.36
C LEU A 84 29.32 -23.27 8.39
N ALA A 85 28.65 -23.39 7.24
CA ALA A 85 27.25 -23.00 7.16
C ALA A 85 26.38 -23.82 8.10
N ARG A 86 26.74 -25.08 8.36
CA ARG A 86 25.93 -25.88 9.27
C ARG A 86 25.92 -25.28 10.67
N LYS A 87 27.06 -24.74 11.12
CA LYS A 87 27.15 -24.26 12.48
C LYS A 87 26.60 -22.84 12.63
N ILE A 88 27.01 -21.93 11.74
CA ILE A 88 26.70 -20.51 11.92
C ILE A 88 25.47 -20.06 11.13
N LEU A 89 24.82 -20.95 10.40
CA LEU A 89 23.60 -20.58 9.70
C LEU A 89 22.47 -21.54 10.02
N GLU A 90 22.72 -22.84 9.82
CA GLU A 90 21.69 -23.86 10.00
C GLU A 90 21.34 -24.02 11.47
N GLU A 91 22.29 -24.52 12.27
CA GLU A 91 22.05 -24.68 13.70
C GLU A 91 21.78 -23.33 14.36
N PHE A 92 22.55 -22.31 13.97
CA PHE A 92 22.40 -20.98 14.57
C PHE A 92 20.97 -20.48 14.44
N SER A 93 20.41 -20.56 13.23
CA SER A 93 19.06 -20.06 13.01
C SER A 93 17.99 -21.00 13.58
N GLU A 94 18.35 -22.25 13.86
CA GLU A 94 17.40 -23.16 14.48
C GLU A 94 17.11 -22.78 15.94
N GLN A 95 18.02 -22.05 16.59
CA GLN A 95 17.84 -21.62 17.97
C GLN A 95 17.19 -20.25 18.07
N ALA A 96 16.77 -19.67 16.95
CA ALA A 96 16.13 -18.36 16.97
C ALA A 96 14.79 -18.45 17.69
N GLU A 97 14.56 -17.52 18.62
CA GLU A 97 13.33 -17.45 19.40
C GLU A 97 12.91 -15.98 19.46
N PRO A 98 11.64 -15.67 19.23
CA PRO A 98 11.21 -14.27 19.31
C PRO A 98 11.21 -13.77 20.75
N SER A 99 12.06 -12.79 21.03
CA SER A 99 12.10 -12.18 22.35
C SER A 99 10.90 -11.24 22.53
N GLU A 100 10.65 -10.84 23.78
CA GLU A 100 9.60 -9.86 24.03
C GLU A 100 9.85 -8.57 23.26
N ALA A 101 11.12 -8.13 23.22
CA ALA A 101 11.45 -6.95 22.42
C ALA A 101 11.10 -7.16 20.95
N HIS A 102 11.40 -8.35 20.41
CA HIS A 102 11.02 -8.67 19.05
C HIS A 102 9.52 -8.48 18.84
N LYS A 103 8.71 -9.08 19.72
CA LYS A 103 7.27 -9.04 19.54
C LYS A 103 6.74 -7.61 19.50
N ILE A 104 7.26 -6.75 20.40
CA ILE A 104 6.80 -5.37 20.42
C ILE A 104 7.11 -4.69 19.09
N LEU A 105 8.37 -4.79 18.64
CA LEU A 105 8.77 -4.12 17.41
C LEU A 105 8.00 -4.65 16.20
N ALA A 106 7.61 -5.92 16.22
CA ALA A 106 6.79 -6.46 15.14
C ALA A 106 5.36 -5.98 15.25
N ARG A 107 4.91 -5.67 16.46
CA ARG A 107 3.56 -5.16 16.66
C ARG A 107 3.42 -3.75 16.10
N LEU A 108 4.37 -2.88 16.45
CA LEU A 108 4.24 -1.47 16.16
C LEU A 108 4.21 -1.24 14.65
N PRO A 109 3.59 -0.14 14.21
CA PRO A 109 3.55 0.19 12.77
C PRO A 109 4.87 0.72 12.24
N ILE A 110 5.96 0.00 12.52
CA ILE A 110 7.26 0.33 11.93
C ILE A 110 7.26 -0.14 10.49
N ARG A 111 7.61 0.77 9.57
CA ARG A 111 7.52 0.47 8.16
C ARG A 111 8.79 -0.19 7.61
N THR A 112 9.91 -0.08 8.31
CA THR A 112 11.20 -0.46 7.74
C THR A 112 11.99 -1.28 8.75
N TYR A 113 12.24 -2.54 8.41
CA TYR A 113 13.08 -3.43 9.21
C TYR A 113 14.29 -3.85 8.37
N TRP A 114 15.49 -3.56 8.88
CA TRP A 114 16.73 -4.08 8.33
C TRP A 114 17.26 -5.15 9.27
N THR A 115 17.89 -6.19 8.71
CA THR A 115 18.48 -7.19 9.57
C THR A 115 19.63 -7.90 8.86
N THR A 116 20.58 -8.38 9.68
CA THR A 116 21.64 -9.26 9.23
C THR A 116 21.41 -10.69 9.71
N ASN A 117 20.26 -10.95 10.32
CA ASN A 117 19.91 -12.30 10.75
C ASN A 117 19.48 -13.14 9.55
N TYR A 118 19.78 -14.45 9.63
CA TYR A 118 19.29 -15.38 8.62
C TYR A 118 17.89 -15.89 8.93
N ASP A 119 17.50 -15.93 10.21
CA ASP A 119 16.21 -16.49 10.57
C ASP A 119 15.08 -15.66 9.96
N THR A 120 13.86 -16.18 10.09
CA THR A 120 12.68 -15.57 9.49
C THR A 120 11.72 -15.02 10.54
N LEU A 121 12.22 -14.71 11.74
CA LEU A 121 11.32 -14.33 12.83
C LEU A 121 10.57 -13.05 12.52
N ILE A 122 11.22 -12.08 11.88
CA ILE A 122 10.54 -10.82 11.57
C ILE A 122 9.43 -11.06 10.56
N GLU A 123 9.75 -11.74 9.46
CA GLU A 123 8.74 -12.05 8.46
C GLU A 123 7.57 -12.82 9.06
N ASP A 124 7.88 -13.83 9.89
CA ASP A 124 6.83 -14.64 10.48
C ASP A 124 5.96 -13.84 11.44
N SER A 125 6.58 -13.01 12.27
CA SER A 125 5.80 -12.20 13.21
C SER A 125 4.87 -11.24 12.48
N LEU A 126 5.36 -10.61 11.41
CA LEU A 126 4.53 -9.66 10.68
C LEU A 126 3.27 -10.33 10.13
N LYS A 127 3.39 -11.53 9.56
CA LYS A 127 2.22 -12.21 9.03
C LYS A 127 1.26 -12.60 10.15
N GLU A 128 1.80 -13.13 11.25
CA GLU A 128 0.96 -13.45 12.41
C GLU A 128 0.21 -12.22 12.87
N ASN A 129 0.80 -11.04 12.68
CA ASN A 129 0.17 -9.78 13.07
C ASN A 129 -0.66 -9.17 11.94
N TYR A 130 -0.97 -9.94 10.91
CA TYR A 130 -1.77 -9.44 9.79
C TYR A 130 -1.16 -8.20 9.16
N ARG A 131 0.16 -8.23 8.97
CA ARG A 131 0.90 -7.17 8.30
C ARG A 131 1.51 -7.75 7.03
N VAL A 132 1.20 -7.13 5.89
CA VAL A 132 1.67 -7.63 4.60
C VAL A 132 3.10 -7.13 4.39
N ALA A 133 4.05 -8.07 4.31
CA ALA A 133 5.46 -7.74 4.30
C ALA A 133 6.04 -7.89 2.89
N ASP A 134 6.87 -6.92 2.52
CA ASP A 134 7.68 -6.96 1.31
C ASP A 134 9.07 -7.42 1.74
N ILE A 135 9.40 -8.69 1.49
CA ILE A 135 10.61 -9.31 2.01
C ILE A 135 11.66 -9.29 0.91
N LYS A 136 12.79 -8.67 1.18
CA LYS A 136 13.91 -8.55 0.24
C LYS A 136 15.00 -9.52 0.71
N ARG A 137 15.03 -10.70 0.09
CA ARG A 137 16.04 -11.70 0.42
C ARG A 137 17.25 -11.63 -0.49
N ARG A 138 17.12 -11.00 -1.65
CA ARG A 138 18.17 -10.94 -2.66
C ARG A 138 18.04 -9.61 -3.40
N THR A 139 19.12 -9.20 -4.07
CA THR A 139 19.09 -7.91 -4.76
C THR A 139 18.00 -7.86 -5.82
N ASP A 140 17.69 -9.00 -6.44
CA ASP A 140 16.63 -9.01 -7.44
C ASP A 140 15.32 -8.53 -6.85
N ASP A 141 15.06 -8.84 -5.58
CA ASP A 141 13.81 -8.45 -4.95
C ASP A 141 13.68 -6.94 -4.82
N LEU A 142 14.79 -6.20 -4.90
CA LEU A 142 14.73 -4.75 -4.71
C LEU A 142 14.14 -4.02 -5.89
N ILE A 143 14.01 -4.67 -7.06
CA ILE A 143 13.57 -3.97 -8.25
C ILE A 143 12.09 -3.59 -8.15
N SER A 144 11.28 -4.44 -7.54
CA SER A 144 9.84 -4.27 -7.52
C SER A 144 9.33 -4.10 -6.09
N THR A 145 8.35 -3.23 -5.94
CA THR A 145 7.77 -2.89 -4.65
C THR A 145 6.43 -3.59 -4.50
N ARG A 146 6.25 -4.32 -3.40
CA ARG A 146 4.96 -4.98 -3.17
C ARG A 146 3.91 -3.93 -2.88
N PRO A 147 2.83 -3.84 -3.67
CA PRO A 147 1.86 -2.76 -3.45
C PRO A 147 1.10 -2.96 -2.15
N LYS A 148 0.80 -1.84 -1.48
CA LYS A 148 0.00 -1.82 -0.27
C LYS A 148 0.65 -2.57 0.89
N ARG A 149 1.97 -2.71 0.86
CA ARG A 149 2.66 -3.38 1.96
C ARG A 149 2.50 -2.58 3.24
N ASP A 150 2.49 -3.29 4.37
CA ASP A 150 2.54 -2.66 5.68
C ASP A 150 3.97 -2.47 6.17
N ALA A 151 4.94 -3.14 5.56
CA ALA A 151 6.33 -3.06 5.99
C ALA A 151 7.22 -3.68 4.93
N VAL A 152 8.48 -3.23 4.91
CA VAL A 152 9.53 -3.83 4.10
C VAL A 152 10.56 -4.43 5.06
N VAL A 153 11.14 -5.57 4.68
CA VAL A 153 12.11 -6.27 5.50
C VAL A 153 13.31 -6.58 4.60
N TYR A 154 14.45 -5.97 4.89
CA TYR A 154 15.68 -6.21 4.14
C TYR A 154 16.52 -7.24 4.88
N LYS A 155 16.79 -8.38 4.21
CA LYS A 155 17.64 -9.43 4.75
C LYS A 155 19.00 -9.26 4.10
N MET A 156 19.83 -8.40 4.69
CA MET A 156 21.07 -7.97 4.06
C MET A 156 21.98 -9.15 3.77
N HIS A 157 22.09 -10.09 4.70
CA HIS A 157 23.02 -11.20 4.58
C HIS A 157 22.34 -12.48 4.12
N GLY A 158 21.19 -12.36 3.48
CA GLY A 158 20.50 -13.53 2.99
C GLY A 158 19.57 -14.13 4.02
N ASP A 159 19.12 -15.34 3.69
CA ASP A 159 18.00 -15.98 4.36
C ASP A 159 18.28 -17.47 4.50
N VAL A 160 17.80 -18.06 5.61
CA VAL A 160 17.85 -19.50 5.78
C VAL A 160 17.12 -20.19 4.64
N SER A 161 16.34 -19.43 3.88
CA SER A 161 15.59 -19.95 2.74
C SER A 161 16.47 -20.47 1.62
N SER A 162 17.61 -19.83 1.36
CA SER A 162 18.48 -20.13 0.23
C SER A 162 19.88 -20.03 0.80
N PRO A 163 20.31 -21.01 1.60
CA PRO A 163 21.62 -20.89 2.27
C PRO A 163 22.77 -20.59 1.31
N GLY A 164 22.71 -21.09 0.08
CA GLY A 164 23.82 -20.90 -0.85
C GLY A 164 24.07 -19.45 -1.20
N ASP A 165 23.09 -18.58 -0.99
CA ASP A 165 23.20 -17.17 -1.34
C ASP A 165 23.44 -16.28 -0.12
N ALA A 166 23.66 -16.87 1.06
CA ALA A 166 23.81 -16.09 2.27
C ALA A 166 25.24 -15.59 2.42
N ILE A 167 25.38 -14.47 3.13
CA ILE A 167 26.68 -13.91 3.47
C ILE A 167 27.18 -14.59 4.74
N LEU A 168 28.30 -15.30 4.63
CA LEU A 168 28.75 -16.18 5.71
C LEU A 168 30.18 -15.94 6.16
N TYR A 169 31.08 -15.57 5.24
CA TYR A 169 32.50 -15.52 5.59
C TYR A 169 33.17 -14.29 4.99
N LYS A 170 34.38 -14.06 5.47
CA LYS A 170 35.11 -12.83 5.22
C LYS A 170 35.09 -12.43 3.75
N ALA A 171 35.42 -13.36 2.86
CA ALA A 171 35.54 -13.01 1.45
C ALA A 171 34.27 -12.38 0.92
N GLN A 172 33.11 -12.89 1.33
CA GLN A 172 31.85 -12.33 0.86
C GLN A 172 31.61 -10.96 1.46
N TYR A 173 32.00 -10.76 2.72
CA TYR A 173 31.91 -9.43 3.33
C TYR A 173 32.74 -8.43 2.54
N GLU A 174 33.95 -8.81 2.14
CA GLU A 174 34.86 -7.87 1.50
C GLU A 174 34.34 -7.39 0.15
N GLN A 175 33.57 -8.24 -0.54
CA GLN A 175 33.01 -7.89 -1.84
C GLN A 175 31.55 -7.47 -1.76
N TYR A 176 30.98 -7.40 -0.56
CA TYR A 176 29.57 -7.06 -0.42
C TYR A 176 29.23 -5.78 -1.15
N TYR A 177 30.07 -4.75 -1.03
CA TYR A 177 29.76 -3.45 -1.62
C TYR A 177 29.57 -3.54 -3.13
N LYS A 178 30.04 -4.62 -3.76
CA LYS A 178 29.83 -4.85 -5.18
C LYS A 178 28.72 -5.86 -5.45
N THR A 179 28.76 -7.01 -4.77
CA THR A 179 27.79 -8.07 -5.05
C THR A 179 26.39 -7.70 -4.58
N HIS A 180 26.29 -6.92 -3.51
CA HIS A 180 25.00 -6.53 -2.93
C HIS A 180 24.86 -5.02 -2.93
N GLU A 181 25.32 -4.37 -4.01
CA GLU A 181 25.29 -2.91 -4.06
C GLU A 181 23.89 -2.37 -3.85
N GLY A 182 22.87 -3.09 -4.31
CA GLY A 182 21.51 -2.61 -4.14
C GLY A 182 21.12 -2.44 -2.69
N PHE A 183 21.53 -3.39 -1.84
CA PHE A 183 21.23 -3.28 -0.41
C PHE A 183 21.93 -2.08 0.20
N VAL A 184 23.20 -1.87 -0.15
CA VAL A 184 23.95 -0.74 0.40
C VAL A 184 23.30 0.58 0.00
N THR A 185 22.98 0.72 -1.29
CA THR A 185 22.35 1.95 -1.76
C THR A 185 21.04 2.20 -1.02
N ALA A 186 20.22 1.17 -0.86
CA ALA A 186 18.96 1.33 -0.15
C ALA A 186 19.19 1.73 1.30
N LEU A 187 20.19 1.13 1.95
CA LEU A 187 20.46 1.47 3.34
C LEU A 187 20.92 2.91 3.49
N SER A 188 21.83 3.35 2.62
CA SER A 188 22.29 4.74 2.67
C SER A 188 21.13 5.72 2.51
N GLY A 189 20.13 5.38 1.70
CA GLY A 189 18.97 6.24 1.58
C GLY A 189 18.14 6.25 2.85
N ASP A 190 17.98 5.10 3.49
CA ASP A 190 17.21 5.05 4.74
C ASP A 190 17.95 5.75 5.86
N LEU A 191 19.28 5.69 5.88
CA LEU A 191 20.05 6.34 6.94
C LEU A 191 19.90 7.85 6.94
N ILE A 192 19.57 8.45 5.79
CA ILE A 192 19.36 9.89 5.73
C ILE A 192 17.89 10.26 5.71
N SER A 193 17.00 9.28 5.84
CA SER A 193 15.57 9.51 5.78
C SER A 193 14.83 9.02 7.01
N LYS A 194 15.46 8.20 7.85
CA LYS A 194 14.75 7.51 8.92
C LYS A 194 15.60 7.51 10.18
N THR A 195 14.94 7.21 11.30
CA THR A 195 15.58 7.12 12.61
C THR A 195 15.69 5.65 12.99
N PHE A 196 16.91 5.13 12.95
CA PHE A 196 17.12 3.72 13.19
C PHE A 196 17.24 3.41 14.68
N LEU A 197 16.68 2.27 15.08
CA LEU A 197 16.94 1.67 16.39
C LEU A 197 17.73 0.39 16.12
N PHE A 198 19.01 0.38 16.50
CA PHE A 198 19.84 -0.80 16.41
C PHE A 198 19.64 -1.64 17.66
N ILE A 199 19.28 -2.91 17.49
CA ILE A 199 18.95 -3.78 18.62
C ILE A 199 19.42 -5.19 18.32
N GLY A 200 20.08 -5.81 19.29
CA GLY A 200 20.60 -7.15 19.14
C GLY A 200 22.07 -7.23 18.79
N PHE A 201 22.80 -6.12 18.86
CA PHE A 201 24.20 -6.07 18.51
C PHE A 201 25.04 -5.92 19.76
N SER A 202 26.21 -6.57 19.77
CA SER A 202 27.20 -6.42 20.82
C SER A 202 28.55 -6.17 20.15
N PHE A 203 29.50 -5.69 20.93
CA PHE A 203 30.82 -5.40 20.39
C PHE A 203 31.70 -6.65 20.30
N THR A 204 31.18 -7.81 20.66
CA THR A 204 31.82 -9.08 20.36
C THR A 204 31.31 -9.70 19.07
N ASP A 205 30.32 -9.08 18.41
CA ASP A 205 29.82 -9.55 17.12
C ASP A 205 30.96 -9.58 16.12
N PRO A 206 31.37 -10.75 15.64
CA PRO A 206 32.57 -10.80 14.79
C PRO A 206 32.48 -9.90 13.57
N ASN A 207 31.28 -9.59 13.09
CA ASN A 207 31.09 -8.85 11.85
C ASN A 207 30.57 -7.43 12.09
N LEU A 208 30.66 -6.93 13.32
CA LEU A 208 30.11 -5.62 13.63
C LEU A 208 30.75 -4.54 12.77
N ASP A 209 32.08 -4.58 12.62
CA ASP A 209 32.76 -3.56 11.84
C ASP A 209 32.29 -3.55 10.39
N TYR A 210 32.12 -4.74 9.79
CA TYR A 210 31.59 -4.79 8.44
C TYR A 210 30.25 -4.08 8.35
N ILE A 211 29.40 -4.27 9.36
CA ILE A 211 28.07 -3.67 9.34
C ILE A 211 28.16 -2.17 9.52
N LEU A 212 28.93 -1.72 10.52
CA LEU A 212 28.98 -0.29 10.82
C LEU A 212 29.61 0.49 9.68
N SER A 213 30.65 -0.06 9.04
CA SER A 213 31.31 0.66 7.96
C SER A 213 30.37 0.97 6.81
N ARG A 214 29.24 0.28 6.70
CA ARG A 214 28.25 0.57 5.67
C ARG A 214 27.36 1.75 6.03
N LEU A 215 27.53 2.34 7.22
CA LEU A 215 26.60 3.34 7.71
C LEU A 215 27.08 4.77 7.45
N HIS A 216 28.15 4.95 6.68
CA HIS A 216 28.69 6.29 6.48
C HIS A 216 27.86 7.06 5.46
N VAL A 217 27.49 8.28 5.82
CA VAL A 217 26.83 9.22 4.91
C VAL A 217 27.45 10.60 5.11
N PRO A 218 27.30 11.48 4.12
CA PRO A 218 27.83 12.85 4.28
C PRO A 218 27.28 13.49 5.55
N GLU A 219 28.15 14.23 6.24
CA GLU A 219 27.77 14.85 7.52
C GLU A 219 26.54 15.73 7.35
N LYS A 220 26.46 16.44 6.22
CA LYS A 220 25.32 17.31 5.95
C LYS A 220 24.00 16.56 6.05
N HIS A 221 24.00 15.26 5.76
CA HIS A 221 22.78 14.47 5.74
C HIS A 221 22.67 13.50 6.92
N ARG A 222 23.69 13.44 7.77
CA ARG A 222 23.73 12.44 8.83
C ARG A 222 22.63 12.70 9.85
N ARG A 223 21.95 11.62 10.24
CA ARG A 223 20.93 11.65 11.27
C ARG A 223 21.44 10.95 12.52
N ARG A 224 20.71 11.15 13.62
CA ARG A 224 21.02 10.53 14.89
C ARG A 224 20.17 9.27 15.04
N HIS A 225 20.83 8.14 15.26
CA HIS A 225 20.19 6.86 15.48
C HIS A 225 20.52 6.38 16.90
N TYR A 226 19.94 5.24 17.28
CA TYR A 226 20.08 4.72 18.63
C TYR A 226 20.46 3.24 18.59
N CYS A 227 21.09 2.79 19.67
CA CYS A 227 21.57 1.41 19.75
C CYS A 227 21.53 0.95 21.19
N PHE A 228 20.74 -0.10 21.45
CA PHE A 228 20.68 -0.69 22.78
C PHE A 228 21.98 -1.41 23.07
N LEU A 229 22.54 -1.16 24.26
CA LEU A 229 23.72 -1.88 24.73
C LEU A 229 23.60 -2.14 26.21
N ARG A 230 23.96 -3.34 26.65
CA ARG A 230 23.98 -3.64 28.08
C ARG A 230 25.24 -3.02 28.70
N LYS A 231 25.05 -2.17 29.71
CA LYS A 231 26.18 -1.61 30.44
C LYS A 231 27.02 -2.73 31.05
N GLU A 232 28.33 -2.55 31.04
CA GLU A 232 29.22 -3.53 31.64
C GLU A 232 29.05 -3.53 33.16
N PRO A 233 28.90 -4.70 33.79
CA PRO A 233 28.69 -4.71 35.24
C PRO A 233 29.95 -4.36 36.01
N SER A 234 29.74 -3.93 37.26
CA SER A 234 30.85 -3.56 38.12
C SER A 234 31.58 -4.79 38.65
N LEU A 235 30.84 -5.77 39.14
CA LEU A 235 31.44 -6.89 39.83
C LEU A 235 32.19 -7.79 38.84
N PRO A 236 33.31 -8.39 39.26
CA PRO A 236 34.09 -9.22 38.32
C PRO A 236 33.32 -10.39 37.75
N GLN A 237 33.96 -11.17 36.88
CA GLN A 237 33.33 -12.33 36.27
C GLN A 237 34.32 -13.09 35.40
N GLY A 238 34.58 -14.35 35.76
CA GLY A 238 35.44 -15.20 34.96
C GLY A 238 36.89 -14.77 34.97
N ASN A 239 37.61 -15.11 36.04
CA ASN A 239 39.04 -14.85 36.15
C ASN A 239 39.36 -13.36 36.19
N GLU A 240 38.49 -12.57 36.80
CA GLU A 240 38.68 -11.13 36.94
C GLU A 240 38.82 -10.76 38.41
N ASP A 241 39.67 -9.77 38.67
CA ASP A 241 39.68 -9.03 39.93
C ASP A 241 39.23 -7.60 39.61
N GLU A 242 39.30 -6.71 40.59
CA GLU A 242 38.75 -5.38 40.39
C GLU A 242 39.55 -4.57 39.38
N ALA A 243 40.81 -4.93 39.11
CA ALA A 243 41.54 -4.30 38.02
C ALA A 243 40.98 -4.74 36.67
N GLY A 244 40.79 -6.05 36.50
CA GLY A 244 40.29 -6.56 35.24
C GLY A 244 38.85 -6.17 34.95
N ALA A 245 38.04 -6.02 36.00
CA ALA A 245 36.65 -5.61 35.79
C ALA A 245 36.57 -4.13 35.44
N MET A 246 37.38 -3.29 36.10
CA MET A 246 37.41 -1.87 35.74
C MET A 246 37.92 -1.68 34.32
N TYR A 247 38.85 -2.52 33.88
CA TYR A 247 39.31 -2.48 32.50
C TYR A 247 38.19 -2.81 31.54
N ARG A 248 37.39 -3.84 31.86
CA ARG A 248 36.24 -4.19 31.04
C ARG A 248 35.30 -3.00 30.89
N GLN A 249 35.00 -2.32 32.00
CA GLN A 249 34.04 -1.22 31.95
C GLN A 249 34.57 -0.04 31.16
N ARG A 250 35.80 0.40 31.48
CA ARG A 250 36.33 1.60 30.83
C ARG A 250 36.54 1.38 29.33
N ARG A 251 36.74 0.13 28.91
CA ARG A 251 36.81 -0.18 27.48
C ARG A 251 35.49 0.14 26.79
N GLN A 252 34.37 -0.10 27.47
CA GLN A 252 33.08 0.14 26.84
C GLN A 252 32.87 1.61 26.54
N GLU A 253 33.47 2.50 27.33
CA GLU A 253 33.36 3.92 27.05
C GLU A 253 33.86 4.27 25.65
N HIS A 254 34.88 3.56 25.18
CA HIS A 254 35.39 3.80 23.84
C HIS A 254 34.48 3.21 22.78
N HIS A 255 33.89 2.04 23.05
CA HIS A 255 32.84 1.52 22.19
C HIS A 255 31.74 2.57 22.01
N ILE A 256 31.26 3.12 23.13
CA ILE A 256 30.15 4.08 23.09
C ILE A 256 30.54 5.30 22.27
N ARG A 257 31.71 5.87 22.56
CA ARG A 257 32.13 7.06 21.82
C ARG A 257 32.33 6.75 20.34
N ASP A 258 32.86 5.56 20.03
CA ASP A 258 33.08 5.19 18.63
C ASP A 258 31.77 5.16 17.86
N LEU A 259 30.70 4.67 18.47
CA LEU A 259 29.42 4.60 17.77
C LEU A 259 28.99 5.97 17.25
N LEU A 260 29.46 7.05 17.88
CA LEU A 260 28.98 8.37 17.50
C LEU A 260 29.47 8.78 16.12
N ARG A 261 30.64 8.32 15.69
CA ARG A 261 31.11 8.69 14.36
C ARG A 261 30.22 8.12 13.26
N PHE A 262 29.29 7.23 13.60
CA PHE A 262 28.26 6.77 12.68
C PHE A 262 26.92 7.43 12.95
N GLY A 263 26.88 8.40 13.87
CA GLY A 263 25.63 9.01 14.27
C GLY A 263 24.79 8.20 15.22
N ILE A 264 25.36 7.16 15.84
CA ILE A 264 24.62 6.24 16.69
C ILE A 264 24.85 6.63 18.14
N GLN A 265 23.76 6.77 18.88
CA GLN A 265 23.79 7.07 20.30
C GLN A 265 23.43 5.80 21.07
N ALA A 266 24.35 5.33 21.90
CA ALA A 266 24.08 4.14 22.72
C ALA A 266 22.98 4.45 23.73
N VAL A 267 22.00 3.56 23.83
CA VAL A 267 21.00 3.57 24.88
C VAL A 267 21.36 2.44 25.82
N LEU A 268 21.91 2.78 26.98
CA LEU A 268 22.51 1.79 27.87
C LEU A 268 21.48 1.27 28.87
N VAL A 269 21.47 -0.05 29.04
CA VAL A 269 20.57 -0.73 29.96
C VAL A 269 21.41 -1.59 30.90
N ASN A 270 20.94 -1.72 32.13
CA ASN A 270 21.65 -2.56 33.10
C ASN A 270 21.46 -4.04 32.79
N GLU A 271 20.29 -4.42 32.29
CA GLU A 271 20.02 -5.81 31.93
C GLU A 271 19.26 -5.83 30.62
N TYR A 272 19.37 -6.94 29.89
CA TYR A 272 18.65 -7.08 28.63
C TYR A 272 17.14 -7.04 28.87
N ASP A 273 16.69 -7.49 30.05
CA ASP A 273 15.26 -7.46 30.35
C ASP A 273 14.73 -6.03 30.43
N ASP A 274 15.61 -5.03 30.53
CA ASP A 274 15.16 -3.65 30.55
C ASP A 274 14.71 -3.19 29.17
N ILE A 275 15.23 -3.82 28.12
CA ILE A 275 14.87 -3.40 26.76
C ILE A 275 13.37 -3.49 26.52
N PRO A 276 12.71 -4.63 26.75
CA PRO A 276 11.26 -4.67 26.55
C PRO A 276 10.49 -3.67 27.41
N LEU A 277 10.99 -3.35 28.60
CA LEU A 277 10.32 -2.36 29.43
C LEU A 277 10.35 -0.98 28.79
N ILE A 278 11.50 -0.58 28.24
CA ILE A 278 11.57 0.69 27.53
C ILE A 278 10.70 0.66 26.28
N LEU A 279 10.69 -0.48 25.58
CA LEU A 279 9.90 -0.57 24.36
C LEU A 279 8.40 -0.54 24.65
N LYS A 280 7.97 -1.14 25.74
CA LYS A 280 6.55 -1.09 26.06
C LYS A 280 6.13 0.32 26.49
N GLU A 281 7.02 1.08 27.16
CA GLU A 281 6.73 2.48 27.44
C GLU A 281 6.58 3.26 26.14
N ILE A 282 7.46 2.99 25.16
CA ILE A 282 7.36 3.64 23.86
C ILE A 282 6.00 3.33 23.22
N GLU A 283 5.64 2.04 23.19
CA GLU A 283 4.35 1.66 22.61
C GLU A 283 3.20 2.33 23.33
N SER A 284 3.20 2.26 24.67
CA SER A 284 2.11 2.84 25.44
C SER A 284 1.89 4.30 25.09
N ARG A 285 2.97 5.08 24.99
CA ARG A 285 2.82 6.49 24.65
C ARG A 285 2.40 6.68 23.20
N PHE A 286 2.99 5.90 22.29
CA PHE A 286 2.66 6.06 20.88
C PHE A 286 1.18 5.80 20.61
N LEU A 287 0.62 4.78 21.26
CA LEU A 287 -0.72 4.33 20.92
C LEU A 287 -1.82 5.29 21.39
N LYS A 288 -1.47 6.35 22.13
CA LYS A 288 -2.51 7.25 22.62
C LYS A 288 -3.24 7.98 21.50
N LYS A 289 -2.76 7.87 20.26
CA LYS A 289 -3.46 8.44 19.11
C LYS A 289 -4.07 7.37 18.20
N THR A 290 -4.27 6.16 18.72
CA THR A 290 -4.94 5.08 17.99
C THR A 290 -6.19 4.69 18.76
N ILE A 291 -7.36 4.89 18.15
CA ILE A 291 -8.65 4.81 18.84
C ILE A 291 -9.40 3.59 18.33
N PHE A 292 -9.76 2.69 19.26
CA PHE A 292 -10.57 1.53 18.97
C PHE A 292 -12.04 1.90 19.13
N ILE A 293 -12.85 1.60 18.13
CA ILE A 293 -14.28 1.89 18.15
C ILE A 293 -15.01 0.57 18.41
N SER A 294 -15.47 0.40 19.64
CA SER A 294 -16.27 -0.75 20.03
C SER A 294 -17.75 -0.40 19.96
N GLY A 295 -18.55 -1.31 19.44
CA GLY A 295 -19.99 -1.09 19.39
C GLY A 295 -20.65 -1.94 18.33
N SER A 296 -21.94 -2.18 18.56
CA SER A 296 -22.79 -2.91 17.63
C SER A 296 -24.22 -2.50 17.91
N ALA A 297 -25.09 -2.70 16.92
CA ALA A 297 -26.48 -2.28 17.09
C ALA A 297 -27.39 -3.04 16.14
N GLU A 298 -28.34 -3.78 16.71
CA GLU A 298 -29.50 -4.23 15.94
C GLU A 298 -30.57 -3.15 15.91
N GLU A 299 -30.73 -2.43 17.02
CA GLU A 299 -31.62 -1.28 17.12
C GLU A 299 -30.86 -0.15 17.80
N TYR A 300 -31.46 1.04 17.79
CA TYR A 300 -30.79 2.24 18.30
C TYR A 300 -31.58 2.93 19.40
N GLY A 301 -32.67 2.33 19.86
CA GLY A 301 -33.35 2.85 21.04
C GLY A 301 -33.78 4.29 20.87
N ALA A 302 -33.37 5.13 21.82
CA ALA A 302 -33.76 6.54 21.83
C ALA A 302 -33.04 7.35 20.76
N TRP A 303 -32.23 6.72 19.92
CA TRP A 303 -31.64 7.35 18.76
C TRP A 303 -32.36 6.86 17.50
N ASP A 304 -32.57 7.77 16.55
CA ASP A 304 -32.97 7.37 15.21
C ASP A 304 -31.78 6.73 14.50
N LYS A 305 -32.08 5.75 13.63
CA LYS A 305 -31.01 4.98 13.02
C LYS A 305 -30.06 5.86 12.23
N GLN A 306 -30.60 6.67 11.31
CA GLN A 306 -29.74 7.55 10.52
C GLN A 306 -29.07 8.59 11.40
N GLU A 307 -29.72 9.01 12.48
CA GLU A 307 -29.09 9.91 13.43
C GLU A 307 -27.87 9.25 14.06
N ALA A 308 -28.00 7.99 14.47
CA ALA A 308 -26.89 7.29 15.11
C ALA A 308 -25.75 7.07 14.12
N LEU A 309 -26.08 6.54 12.93
CA LEU A 309 -25.04 6.29 11.94
C LEU A 309 -24.36 7.59 11.52
N ASN A 310 -25.12 8.68 11.41
CA ASN A 310 -24.52 9.96 11.11
C ASN A 310 -23.53 10.37 12.19
N PHE A 311 -23.89 10.16 13.46
CA PHE A 311 -22.98 10.48 14.56
C PHE A 311 -21.70 9.66 14.45
N VAL A 312 -21.84 8.34 14.23
CA VAL A 312 -20.66 7.48 14.12
C VAL A 312 -19.81 7.90 12.92
N HIS A 313 -20.46 8.15 11.78
CA HIS A 313 -19.74 8.64 10.61
C HIS A 313 -18.93 9.89 10.95
N ILE A 314 -19.57 10.89 11.53
CA ILE A 314 -18.90 12.15 11.83
C ILE A 314 -17.77 11.93 12.81
N LEU A 315 -18.02 11.16 13.88
CA LEU A 315 -16.96 10.87 14.85
C LEU A 315 -15.74 10.29 14.14
N SER A 316 -15.94 9.23 13.36
CA SER A 316 -14.81 8.59 12.69
C SER A 316 -14.10 9.55 11.76
N SER A 317 -14.85 10.35 11.01
CA SER A 317 -14.23 11.34 10.14
C SER A 317 -13.42 12.34 10.96
N SER A 318 -14.00 12.83 12.06
CA SER A 318 -13.29 13.82 12.87
C SER A 318 -12.01 13.26 13.45
N LEU A 319 -12.03 11.99 13.87
CA LEU A 319 -10.81 11.36 14.39
C LEU A 319 -9.69 11.40 13.36
N VAL A 320 -10.00 11.02 12.12
CA VAL A 320 -8.99 11.07 11.06
C VAL A 320 -8.48 12.50 10.87
N LYS A 321 -9.41 13.45 10.79
CA LYS A 321 -9.02 14.82 10.50
C LYS A 321 -8.20 15.46 11.62
N ASN A 322 -8.32 14.95 12.84
CA ASN A 322 -7.53 15.46 13.96
C ASN A 322 -6.30 14.62 14.25
N GLY A 323 -5.90 13.77 13.30
CA GLY A 323 -4.61 13.10 13.36
C GLY A 323 -4.61 11.74 14.03
N TYR A 324 -5.77 11.15 14.29
CA TYR A 324 -5.82 9.86 14.93
C TYR A 324 -5.89 8.74 13.90
N ARG A 325 -5.46 7.55 14.34
CA ARG A 325 -5.69 6.30 13.62
C ARG A 325 -6.88 5.60 14.24
N VAL A 326 -7.79 5.09 13.40
CA VAL A 326 -9.03 4.49 13.85
C VAL A 326 -8.95 2.99 13.63
N VAL A 327 -9.14 2.22 14.70
CA VAL A 327 -9.21 0.77 14.62
C VAL A 327 -10.68 0.39 14.68
N ASN A 328 -11.19 -0.21 13.60
CA ASN A 328 -12.60 -0.52 13.48
C ASN A 328 -12.89 -1.86 14.16
N GLY A 329 -13.68 -1.82 15.23
CA GLY A 329 -14.15 -3.05 15.84
C GLY A 329 -15.01 -3.89 14.91
N PHE A 330 -15.61 -3.26 13.89
CA PHE A 330 -16.36 -3.97 12.87
C PHE A 330 -17.67 -4.57 13.40
N GLY A 331 -18.28 -3.91 14.38
CA GLY A 331 -19.54 -4.38 14.92
C GLY A 331 -20.69 -4.15 13.95
N TRP A 332 -21.65 -5.05 14.00
CA TRP A 332 -22.84 -4.92 13.16
C TRP A 332 -23.55 -3.61 13.43
N GLY A 333 -23.85 -2.86 12.37
CA GLY A 333 -24.60 -1.63 12.49
C GLY A 333 -23.82 -0.44 12.96
N ILE A 334 -22.52 -0.59 13.19
CA ILE A 334 -21.68 0.51 13.63
C ILE A 334 -20.44 0.56 12.74
N GLY A 335 -19.90 -0.62 12.42
CA GLY A 335 -18.64 -0.68 11.71
C GLY A 335 -18.67 -0.06 10.33
N SER A 336 -19.80 -0.17 9.63
CA SER A 336 -19.89 0.39 8.30
C SER A 336 -19.82 1.92 8.33
N ALA A 337 -20.38 2.55 9.36
CA ALA A 337 -20.27 4.00 9.48
C ALA A 337 -18.86 4.42 9.86
N VAL A 338 -18.20 3.63 10.71
CA VAL A 338 -16.81 3.91 11.06
C VAL A 338 -15.95 3.92 9.80
N ILE A 339 -16.16 2.91 8.95
CA ILE A 339 -15.38 2.81 7.72
C ILE A 339 -15.68 3.99 6.80
N ASN A 340 -16.96 4.24 6.54
CA ASN A 340 -17.33 5.29 5.59
C ASN A 340 -16.89 6.66 6.09
N GLY A 341 -17.04 6.90 7.39
CA GLY A 341 -16.61 8.18 7.94
C GLY A 341 -15.12 8.41 7.76
N ALA A 342 -14.32 7.40 8.11
CA ALA A 342 -12.87 7.53 7.97
C ALA A 342 -12.47 7.65 6.51
N LEU A 343 -13.04 6.83 5.63
CA LEU A 343 -12.67 6.89 4.22
C LEU A 343 -13.05 8.22 3.60
N GLU A 344 -14.19 8.79 4.00
CA GLU A 344 -14.57 10.11 3.52
C GLU A 344 -13.51 11.14 3.88
N ALA A 345 -13.06 11.14 5.13
CA ALA A 345 -12.02 12.07 5.54
C ALA A 345 -10.73 11.86 4.76
N ILE A 346 -10.32 10.60 4.60
CA ILE A 346 -9.05 10.31 3.94
C ILE A 346 -9.04 10.86 2.53
N TYR A 347 -10.07 10.55 1.75
CA TYR A 347 -10.15 11.04 0.38
C TYR A 347 -10.68 12.47 0.29
N SER A 348 -11.07 13.07 1.42
CA SER A 348 -11.38 14.50 1.43
C SER A 348 -10.15 15.33 1.11
N LYS A 349 -9.02 14.98 1.72
CA LYS A 349 -7.75 15.66 1.50
C LYS A 349 -6.69 14.57 1.46
N PRO A 350 -6.57 13.85 0.33
CA PRO A 350 -5.68 12.69 0.29
C PRO A 350 -4.20 13.03 0.44
N ASP A 351 -3.82 14.30 0.36
CA ASP A 351 -2.43 14.69 0.54
C ASP A 351 -2.04 14.88 2.00
N LYS A 352 -3.01 15.17 2.88
CA LYS A 352 -2.76 15.32 4.30
C LYS A 352 -3.12 14.09 5.12
N TYR A 353 -4.22 13.42 4.78
CA TYR A 353 -4.64 12.20 5.47
C TYR A 353 -4.28 10.98 4.63
N SER A 354 -4.28 9.82 5.29
CA SER A 354 -3.75 8.61 4.68
C SER A 354 -4.61 7.40 5.03
N GLU A 355 -4.55 6.40 4.15
CA GLU A 355 -5.23 5.13 4.37
C GLU A 355 -4.73 4.41 5.60
N GLU A 356 -3.51 4.72 6.07
CA GLU A 356 -3.00 4.12 7.28
C GLU A 356 -3.76 4.55 8.53
N GLN A 357 -4.61 5.57 8.42
CA GLN A 357 -5.40 6.06 9.54
C GLN A 357 -6.66 5.23 9.76
N LEU A 358 -6.92 4.22 8.94
CA LEU A 358 -8.03 3.30 9.12
C LEU A 358 -7.47 1.89 9.16
N ILE A 359 -7.68 1.21 10.28
CA ILE A 359 -7.17 -0.15 10.50
C ILE A 359 -8.35 -1.09 10.52
N MET A 360 -8.35 -2.05 9.59
CA MET A 360 -9.44 -3.00 9.42
C MET A 360 -8.84 -4.38 9.25
N ARG A 361 -9.24 -5.34 10.08
CA ARG A 361 -8.80 -6.71 9.94
C ARG A 361 -10.01 -7.63 10.07
N PRO A 362 -9.99 -8.79 9.40
CA PRO A 362 -11.20 -9.62 9.37
C PRO A 362 -11.53 -10.21 10.72
N PHE A 363 -12.84 -10.24 11.04
CA PHE A 363 -13.32 -10.84 12.26
C PHE A 363 -13.75 -12.28 12.02
N PRO A 364 -13.82 -13.09 13.08
CA PRO A 364 -14.06 -14.53 12.86
C PRO A 364 -15.44 -14.80 12.29
N GLN A 365 -15.49 -15.72 11.34
CA GLN A 365 -16.73 -16.20 10.74
C GLN A 365 -16.98 -17.67 11.01
N HIS A 366 -15.96 -18.51 10.91
CA HIS A 366 -16.12 -19.96 10.99
C HIS A 366 -15.28 -20.54 12.12
N SER A 367 -15.83 -21.55 12.77
CA SER A 367 -15.06 -22.34 13.72
C SER A 367 -13.84 -22.96 13.03
N SER A 368 -12.90 -23.41 13.85
CA SER A 368 -11.67 -24.04 13.39
C SER A 368 -11.47 -25.32 14.18
N ASN A 369 -10.65 -26.23 13.64
CA ASN A 369 -10.42 -27.49 14.30
C ASN A 369 -9.63 -27.33 15.59
N ASP A 370 -8.80 -26.28 15.71
CA ASP A 370 -8.01 -26.02 16.91
C ASP A 370 -8.60 -24.93 17.78
N LYS A 371 -9.67 -24.26 17.34
CA LYS A 371 -10.23 -23.15 18.09
C LYS A 371 -11.73 -23.06 17.83
N ALA A 372 -12.52 -23.06 18.90
CA ALA A 372 -13.93 -22.74 18.78
C ALA A 372 -14.10 -21.29 18.35
N LEU A 373 -15.30 -20.94 17.90
CA LEU A 373 -15.59 -19.55 17.57
C LEU A 373 -15.37 -18.64 18.77
N SER A 374 -15.72 -19.13 19.97
CA SER A 374 -15.51 -18.34 21.18
C SER A 374 -14.06 -17.94 21.34
N GLU A 375 -13.12 -18.85 21.04
CA GLU A 375 -11.71 -18.54 21.20
C GLU A 375 -11.22 -17.58 20.12
N LEU A 376 -11.65 -17.79 18.87
CA LEU A 376 -11.21 -16.91 17.79
C LEU A 376 -11.66 -15.48 18.02
N TRP A 377 -12.86 -15.30 18.57
CA TRP A 377 -13.34 -13.95 18.85
C TRP A 377 -12.50 -13.29 19.93
N ASP A 378 -12.17 -14.01 21.00
CA ASP A 378 -11.36 -13.43 22.05
C ASP A 378 -9.98 -13.03 21.52
N GLU A 379 -9.38 -13.88 20.70
CA GLU A 379 -8.06 -13.56 20.14
C GLU A 379 -8.14 -12.38 19.19
N TYR A 380 -9.21 -12.28 18.43
CA TYR A 380 -9.42 -11.11 17.57
C TYR A 380 -9.50 -9.83 18.41
N ARG A 381 -10.33 -9.85 19.46
CA ARG A 381 -10.49 -8.66 20.27
C ARG A 381 -9.17 -8.27 20.95
N GLN A 382 -8.44 -9.26 21.48
CA GLN A 382 -7.16 -8.96 22.12
C GLN A 382 -6.19 -8.33 21.12
N ARG A 383 -6.15 -8.85 19.89
CA ARG A 383 -5.24 -8.32 18.88
C ARG A 383 -5.60 -6.90 18.49
N MET A 384 -6.88 -6.66 18.20
CA MET A 384 -7.31 -5.35 17.71
CA MET A 384 -7.30 -5.35 17.72
C MET A 384 -7.21 -4.29 18.82
N ILE A 385 -7.63 -4.63 20.04
CA ILE A 385 -7.47 -3.69 21.13
C ILE A 385 -5.99 -3.45 21.41
N GLY A 386 -5.17 -4.49 21.26
CA GLY A 386 -3.74 -4.33 21.43
C GLY A 386 -3.12 -3.30 20.53
N LEU A 387 -3.80 -2.94 19.45
CA LEU A 387 -3.31 -1.94 18.52
C LEU A 387 -3.66 -0.52 18.93
N SER A 388 -4.42 -0.35 20.01
CA SER A 388 -4.96 0.94 20.37
C SER A 388 -4.58 1.30 21.80
N GLY A 389 -4.64 2.61 22.08
CA GLY A 389 -4.38 3.11 23.42
C GLY A 389 -5.62 3.67 24.07
N ILE A 390 -6.64 3.97 23.27
CA ILE A 390 -7.92 4.48 23.77
C ILE A 390 -9.04 3.77 23.04
N ALA A 391 -10.09 3.41 23.77
CA ALA A 391 -11.22 2.68 23.20
C ALA A 391 -12.52 3.40 23.54
N ILE A 392 -13.35 3.64 22.52
CA ILE A 392 -14.66 4.27 22.67
C ILE A 392 -15.72 3.19 22.49
N PHE A 393 -16.77 3.26 23.31
CA PHE A 393 -17.83 2.25 23.30
C PHE A 393 -19.16 2.92 22.99
N LEU A 394 -19.85 2.39 21.99
CA LEU A 394 -21.06 2.99 21.45
C LEU A 394 -22.17 1.95 21.36
N PHE A 395 -23.34 2.29 21.89
CA PHE A 395 -24.50 1.41 21.80
C PHE A 395 -24.15 0.03 22.33
N GLY A 396 -24.32 -1.00 21.52
CA GLY A 396 -23.94 -2.34 21.91
C GLY A 396 -25.10 -3.25 22.22
N ASN A 397 -25.78 -3.72 21.19
CA ASN A 397 -26.89 -4.65 21.35
C ASN A 397 -26.99 -5.53 20.12
N LYS A 398 -27.63 -6.68 20.29
CA LYS A 398 -27.78 -7.64 19.20
C LYS A 398 -29.03 -8.46 19.43
N LEU A 399 -29.38 -9.26 18.42
CA LEU A 399 -30.52 -10.17 18.51
C LEU A 399 -30.08 -11.50 19.13
N HIS A 400 -30.92 -12.03 20.02
CA HIS A 400 -30.59 -13.23 20.78
C HIS A 400 -31.91 -13.90 21.15
N ASP A 401 -32.07 -15.16 20.76
CA ASP A 401 -33.31 -15.89 20.97
C ASP A 401 -34.52 -15.00 20.70
N GLY A 402 -34.46 -14.22 19.62
CA GLY A 402 -35.61 -13.46 19.18
C GLY A 402 -35.82 -12.12 19.86
N ARG A 403 -34.92 -11.69 20.73
CA ARG A 403 -35.07 -10.42 21.42
C ARG A 403 -33.77 -9.64 21.38
N ILE A 404 -33.86 -8.37 21.77
CA ILE A 404 -32.72 -7.47 21.80
C ILE A 404 -32.05 -7.57 23.16
N VAL A 405 -30.74 -7.82 23.16
CA VAL A 405 -29.96 -7.89 24.38
C VAL A 405 -28.74 -7.00 24.24
N ASN A 406 -28.23 -6.51 25.37
CA ASN A 406 -26.96 -5.80 25.37
C ASN A 406 -25.84 -6.74 24.94
N ALA A 407 -24.89 -6.20 24.20
CA ALA A 407 -23.90 -7.03 23.50
C ALA A 407 -22.76 -7.37 24.46
N ASP A 408 -22.68 -8.64 24.86
CA ASP A 408 -21.62 -9.08 25.76
C ASP A 408 -20.24 -8.90 25.14
N GLY A 409 -20.15 -8.98 23.82
CA GLY A 409 -18.87 -8.75 23.17
C GLY A 409 -18.31 -7.36 23.47
N VAL A 410 -19.19 -6.36 23.52
CA VAL A 410 -18.76 -5.00 23.80
C VAL A 410 -18.17 -4.91 25.20
N ARG A 411 -18.77 -5.62 26.16
CA ARG A 411 -18.23 -5.61 27.53
C ARG A 411 -16.90 -6.37 27.58
N ARG A 412 -16.78 -7.45 26.82
CA ARG A 412 -15.51 -8.18 26.79
C ARG A 412 -14.39 -7.30 26.22
N GLU A 413 -14.70 -6.52 25.17
CA GLU A 413 -13.72 -5.56 24.65
C GLU A 413 -13.37 -4.52 25.71
N PHE A 414 -14.36 -4.10 26.51
CA PHE A 414 -14.11 -3.19 27.62
C PHE A 414 -13.16 -3.81 28.63
N GLN A 415 -13.38 -5.09 28.98
CA GLN A 415 -12.54 -5.73 29.98
C GLN A 415 -11.12 -5.93 29.48
N ILE A 416 -10.97 -6.36 28.22
CA ILE A 416 -9.63 -6.51 27.64
C ILE A 416 -8.89 -5.18 27.69
N ALA A 417 -9.57 -4.10 27.31
CA ALA A 417 -8.96 -2.78 27.34
C ALA A 417 -8.47 -2.44 28.74
N GLN A 418 -9.35 -2.56 29.73
CA GLN A 418 -8.98 -2.18 31.09
C GLN A 418 -7.84 -3.02 31.62
N GLU A 419 -7.88 -4.33 31.37
CA GLU A 419 -6.85 -5.22 31.88
C GLU A 419 -5.48 -4.90 31.28
N THR A 420 -5.42 -4.23 30.14
CA THR A 420 -4.17 -3.98 29.43
C THR A 420 -3.78 -2.51 29.43
N GLY A 421 -4.47 -1.67 30.18
CA GLY A 421 -4.11 -0.27 30.27
C GLY A 421 -4.62 0.60 29.15
N VAL A 422 -5.54 0.11 28.33
CA VAL A 422 -6.19 0.94 27.32
C VAL A 422 -7.26 1.78 28.00
N VAL A 423 -7.23 3.09 27.74
CA VAL A 423 -8.24 3.99 28.30
C VAL A 423 -9.60 3.64 27.70
N VAL A 424 -10.61 3.51 28.56
CA VAL A 424 -11.96 3.13 28.15
C VAL A 424 -12.87 4.34 28.28
N LEU A 425 -13.61 4.65 27.22
CA LEU A 425 -14.46 5.84 27.17
C LEU A 425 -15.83 5.43 26.64
N PRO A 426 -16.67 4.84 27.49
CA PRO A 426 -18.04 4.52 27.08
C PRO A 426 -18.92 5.76 27.06
N LEU A 427 -19.77 5.86 26.05
CA LEU A 427 -20.70 6.97 25.89
C LEU A 427 -22.08 6.48 26.27
N GLY A 428 -22.42 6.62 27.55
CA GLY A 428 -23.66 6.07 28.05
C GLY A 428 -24.89 6.61 27.35
N VAL A 429 -24.80 7.82 26.80
CA VAL A 429 -25.94 8.41 26.11
C VAL A 429 -26.36 7.58 24.90
N THR A 430 -25.49 6.71 24.40
CA THR A 430 -25.86 5.82 23.31
C THR A 430 -26.57 4.56 23.81
N GLY A 431 -26.71 4.40 25.13
CA GLY A 431 -27.53 3.34 25.68
C GLY A 431 -26.89 1.96 25.63
N TYR A 432 -27.74 0.97 25.91
CA TYR A 432 -27.37 -0.44 25.82
C TYR A 432 -26.08 -0.72 26.56
N MET A 433 -25.18 -1.51 25.97
CA MET A 433 -24.00 -1.95 26.69
C MET A 433 -23.10 -0.77 27.06
N ALA A 434 -23.03 0.24 26.19
CA ALA A 434 -22.24 1.42 26.52
C ALA A 434 -22.75 2.10 27.78
N LYS A 435 -24.08 2.14 27.94
CA LYS A 435 -24.66 2.73 29.15
C LYS A 435 -24.36 1.87 30.37
N GLU A 436 -24.47 0.55 30.24
CA GLU A 436 -24.12 -0.35 31.33
C GLU A 436 -22.69 -0.12 31.80
N LEU A 437 -21.76 0.04 30.85
CA LEU A 437 -20.36 0.17 31.23
C LEU A 437 -20.08 1.54 31.83
N ALA A 438 -20.74 2.58 31.32
CA ALA A 438 -20.58 3.91 31.91
C ALA A 438 -21.07 3.92 33.34
N ASP A 439 -22.26 3.36 33.58
CA ASP A 439 -22.81 3.34 34.93
C ASP A 439 -21.95 2.49 35.86
N GLU A 440 -21.39 1.39 35.35
CA GLU A 440 -20.52 0.56 36.17
C GLU A 440 -19.26 1.31 36.59
N MET A 441 -18.65 2.07 35.67
CA MET A 441 -17.47 2.85 36.03
C MET A 441 -17.84 3.91 37.08
N LEU A 442 -18.98 4.57 36.90
CA LEU A 442 -19.36 5.66 37.80
C LEU A 442 -19.76 5.15 39.16
N THR A 443 -20.07 3.85 39.30
CA THR A 443 -20.45 3.29 40.59
C THR A 443 -19.24 2.97 41.46
N ASP A 444 -18.06 2.82 40.88
CA ASP A 444 -16.82 2.58 41.62
C ASP A 444 -15.73 3.44 41.01
N PRO A 445 -15.82 4.76 41.16
CA PRO A 445 -14.77 5.62 40.60
C PRO A 445 -13.39 5.29 41.13
N SER A 446 -13.31 4.84 42.38
CA SER A 446 -12.02 4.53 42.99
C SER A 446 -11.21 3.59 42.12
N LYS A 447 -11.87 2.63 41.46
CA LYS A 447 -11.14 1.65 40.68
C LYS A 447 -10.97 2.05 39.22
N HIS A 448 -11.96 2.71 38.62
CA HIS A 448 -11.95 2.92 37.18
C HIS A 448 -11.32 4.23 36.75
N PHE A 449 -11.15 5.20 37.67
CA PHE A 449 -10.61 6.50 37.31
C PHE A 449 -9.36 6.84 38.12
N VAL A 450 -8.48 5.85 38.32
CA VAL A 450 -7.26 6.10 39.09
C VAL A 450 -6.28 6.93 38.27
N ARG A 451 -6.03 6.53 37.02
CA ARG A 451 -5.01 7.17 36.21
C ARG A 451 -5.40 8.57 35.79
N TYR A 452 -6.70 8.81 35.53
CA TYR A 452 -7.19 10.09 35.03
C TYR A 452 -8.42 10.50 35.82
N PRO A 453 -8.23 11.03 37.04
CA PRO A 453 -9.40 11.37 37.87
C PRO A 453 -10.35 12.35 37.20
N TRP A 454 -9.83 13.26 36.37
CA TRP A 454 -10.68 14.24 35.70
C TRP A 454 -11.65 13.58 34.72
N LEU A 455 -11.41 12.32 34.35
CA LEU A 455 -12.25 11.67 33.35
C LEU A 455 -13.61 11.28 33.92
N GLU A 456 -13.70 11.06 35.24
CA GLU A 456 -14.97 10.68 35.84
C GLU A 456 -16.06 11.67 35.49
N LYS A 457 -15.76 12.97 35.66
CA LYS A 457 -16.74 14.00 35.33
C LYS A 457 -17.17 13.90 33.87
N GLU A 458 -16.20 13.71 32.95
CA GLU A 458 -16.52 13.68 31.54
C GLU A 458 -17.39 12.47 31.20
N VAL A 459 -17.07 11.31 31.75
CA VAL A 459 -17.90 10.13 31.49
C VAL A 459 -19.30 10.34 32.06
N ALA A 460 -19.39 11.02 33.21
CA ALA A 460 -20.69 11.22 33.84
C ALA A 460 -21.62 12.06 32.98
N GLN A 461 -21.11 13.15 32.40
CA GLN A 461 -21.94 14.00 31.56
C GLN A 461 -22.35 13.30 30.28
N LEU A 462 -21.47 12.45 29.74
CA LEU A 462 -21.79 11.69 28.53
C LEU A 462 -22.64 10.46 28.81
N ALA A 463 -22.82 10.09 30.09
CA ALA A 463 -23.57 8.90 30.44
C ALA A 463 -25.06 9.16 30.63
N ASP A 464 -25.49 10.42 30.67
CA ASP A 464 -26.88 10.74 30.90
C ASP A 464 -27.69 10.51 29.63
N LEU A 465 -28.68 9.61 29.71
CA LEU A 465 -29.50 9.32 28.54
C LEU A 465 -30.10 10.59 27.95
N SER A 466 -30.30 11.61 28.78
CA SER A 466 -30.82 12.90 28.32
C SER A 466 -29.73 13.87 27.92
N ALA A 467 -28.47 13.46 27.96
CA ALA A 467 -27.38 14.35 27.60
C ALA A 467 -27.58 14.89 26.19
N ASN A 468 -27.15 16.14 25.98
CA ASN A 468 -27.36 16.82 24.71
C ASN A 468 -26.39 16.29 23.66
N ARG A 469 -26.94 15.88 22.51
CA ARG A 469 -26.19 15.11 21.54
C ARG A 469 -25.47 15.98 20.50
N ALA A 470 -25.79 17.28 20.43
CA ALA A 470 -25.25 18.09 19.34
C ALA A 470 -23.73 18.16 19.39
N ASN A 471 -23.15 18.22 20.58
CA ASN A 471 -21.73 18.50 20.74
C ASN A 471 -20.96 17.30 21.30
N ILE A 472 -21.49 16.09 21.13
CA ILE A 472 -20.81 14.90 21.64
C ILE A 472 -19.45 14.74 20.99
N GLU A 473 -19.42 14.79 19.66
CA GLU A 473 -18.16 14.61 18.93
C GLU A 473 -17.12 15.61 19.39
N MET A 474 -17.51 16.88 19.49
CA MET A 474 -16.58 17.91 19.95
C MET A 474 -16.04 17.59 21.35
N LYS A 475 -16.91 17.09 22.24
CA LYS A 475 -16.45 16.77 23.59
C LYS A 475 -15.52 15.57 23.58
N VAL A 476 -15.83 14.54 22.78
CA VAL A 476 -14.95 13.38 22.72
C VAL A 476 -13.56 13.79 22.25
N LEU A 477 -13.49 14.65 21.23
CA LEU A 477 -12.19 15.03 20.70
C LEU A 477 -11.37 15.81 21.74
N GLU A 478 -12.03 16.65 22.53
CA GLU A 478 -11.33 17.36 23.60
C GLU A 478 -10.78 16.38 24.63
N ILE A 479 -11.56 15.35 24.96
CA ILE A 479 -11.11 14.35 25.92
C ILE A 479 -9.87 13.64 25.40
N LEU A 480 -9.90 13.22 24.14
CA LEU A 480 -8.76 12.49 23.58
C LEU A 480 -7.51 13.35 23.58
N LYS A 481 -7.64 14.63 23.24
CA LYS A 481 -6.47 15.51 23.21
C LYS A 481 -5.84 15.61 24.60
N LYS A 482 -6.67 15.68 25.65
CA LYS A 482 -6.13 15.74 27.01
C LYS A 482 -5.48 14.42 27.40
N LEU A 483 -6.06 13.30 26.97
CA LEU A 483 -5.46 12.01 27.24
C LEU A 483 -4.11 11.85 26.56
N GLY A 484 -3.85 12.62 25.52
CA GLY A 484 -2.58 12.55 24.81
C GLY A 484 -1.47 13.29 25.52
N VAL B 7 -15.18 -3.23 -33.60
CA VAL B 7 -14.78 -4.02 -32.44
C VAL B 7 -13.66 -4.99 -32.81
N GLN B 8 -13.09 -4.85 -34.01
CA GLN B 8 -12.01 -5.71 -34.46
C GLN B 8 -10.90 -4.88 -35.09
N PHE B 9 -9.66 -5.29 -34.83
CA PHE B 9 -8.48 -4.50 -35.14
C PHE B 9 -7.51 -5.35 -35.95
N SER B 10 -6.36 -4.75 -36.25
CA SER B 10 -5.29 -5.47 -36.96
C SER B 10 -4.90 -6.72 -36.19
N ALA B 11 -4.25 -7.67 -36.86
CA ALA B 11 -3.65 -8.79 -36.14
C ALA B 11 -2.55 -8.31 -35.19
N GLU B 12 -1.84 -7.25 -35.56
CA GLU B 12 -0.78 -6.72 -34.70
C GLU B 12 -1.37 -6.01 -33.49
N VAL B 13 -2.36 -5.14 -33.72
CA VAL B 13 -3.05 -4.49 -32.62
C VAL B 13 -3.71 -5.53 -31.72
N GLU B 14 -4.30 -6.55 -32.33
CA GLU B 14 -5.00 -7.57 -31.57
C GLU B 14 -4.05 -8.32 -30.64
N ALA B 15 -2.84 -8.63 -31.11
CA ALA B 15 -1.86 -9.30 -30.26
C ALA B 15 -1.38 -8.38 -29.15
N PHE B 16 -1.28 -7.07 -29.42
CA PHE B 16 -0.90 -6.11 -28.39
C PHE B 16 -1.97 -6.04 -27.31
N ILE B 17 -3.25 -6.03 -27.70
CA ILE B 17 -4.33 -5.98 -26.71
C ILE B 17 -4.26 -7.20 -25.80
N ARG B 18 -4.15 -8.39 -26.38
CA ARG B 18 -4.10 -9.61 -25.57
C ARG B 18 -2.93 -9.55 -24.59
N THR B 19 -1.78 -9.05 -25.04
CA THR B 19 -0.59 -9.04 -24.19
C THR B 19 -0.72 -8.02 -23.07
N TYR B 20 -1.16 -6.80 -23.40
CA TYR B 20 -1.23 -5.75 -22.39
C TYR B 20 -2.32 -6.03 -21.36
N VAL B 21 -3.45 -6.62 -21.79
CA VAL B 21 -4.46 -7.04 -20.84
C VAL B 21 -3.86 -8.00 -19.82
N LYS B 22 -3.14 -9.02 -20.31
CA LYS B 22 -2.54 -10.00 -19.41
C LYS B 22 -1.55 -9.33 -18.47
N ASP B 23 -0.77 -8.37 -18.96
CA ASP B 23 0.22 -7.71 -18.11
C ASP B 23 -0.44 -6.76 -17.13
N LEU B 24 -1.57 -6.16 -17.50
CA LEU B 24 -2.34 -5.40 -16.53
C LEU B 24 -2.81 -6.30 -15.40
N GLU B 25 -3.26 -7.52 -15.73
CA GLU B 25 -3.77 -8.43 -14.71
C GLU B 25 -2.67 -8.87 -13.76
N GLU B 26 -1.49 -9.20 -14.29
CA GLU B 26 -0.39 -9.59 -13.44
C GLU B 26 0.19 -8.42 -12.66
N GLY B 27 -0.07 -7.19 -13.11
CA GLY B 27 0.39 -6.01 -12.40
C GLY B 27 1.71 -5.45 -12.86
N VAL B 28 2.23 -5.88 -14.01
CA VAL B 28 3.51 -5.41 -14.50
C VAL B 28 3.36 -4.37 -15.61
N ALA B 29 2.14 -3.96 -15.93
CA ALA B 29 1.94 -2.96 -16.96
C ALA B 29 2.42 -1.60 -16.50
N ALA B 30 3.02 -0.86 -17.42
CA ALA B 30 3.54 0.48 -17.13
C ALA B 30 3.28 1.38 -18.34
N VAL B 31 3.32 2.68 -18.09
CA VAL B 31 3.09 3.68 -19.13
C VAL B 31 4.29 4.62 -19.16
N PHE B 32 4.71 4.97 -20.38
CA PHE B 32 5.67 6.05 -20.61
C PHE B 32 4.99 7.07 -21.51
N ALA B 33 4.71 8.26 -20.95
CA ALA B 33 3.85 9.24 -21.59
C ALA B 33 4.66 10.39 -22.14
N GLY B 34 4.45 10.71 -23.42
CA GLY B 34 5.04 11.85 -24.05
C GLY B 34 4.04 12.98 -24.26
N ALA B 35 4.48 13.99 -25.00
CA ALA B 35 3.69 15.21 -25.14
C ALA B 35 2.36 14.96 -25.82
N GLY B 36 2.31 14.02 -26.78
CA GLY B 36 1.07 13.76 -27.48
C GLY B 36 -0.08 13.40 -26.55
N LEU B 37 0.22 12.71 -25.45
CA LEU B 37 -0.83 12.29 -24.53
C LEU B 37 -1.52 13.49 -23.88
N SER B 38 -0.86 14.64 -23.82
CA SER B 38 -1.42 15.85 -23.22
C SER B 38 -2.06 16.76 -24.27
N ARG B 39 -2.48 16.20 -25.39
CA ARG B 39 -3.23 16.92 -26.42
C ARG B 39 -4.37 16.04 -26.89
N THR B 40 -5.58 16.59 -26.94
CA THR B 40 -6.68 15.90 -27.60
C THR B 40 -6.31 15.58 -29.05
N SER B 41 -5.46 16.42 -29.66
CA SER B 41 -4.93 16.11 -30.99
C SER B 41 -4.24 14.76 -31.00
N GLY B 42 -3.52 14.45 -29.92
CA GLY B 42 -2.67 13.28 -29.87
C GLY B 42 -1.24 13.51 -30.33
N PHE B 43 -0.92 14.71 -30.82
CA PHE B 43 0.42 14.99 -31.29
C PHE B 43 0.76 16.46 -31.08
N VAL B 44 2.03 16.79 -31.32
CA VAL B 44 2.58 18.12 -31.12
C VAL B 44 3.27 18.53 -32.41
N ASN B 45 3.17 19.81 -32.76
CA ASN B 45 3.94 20.38 -33.87
C ASN B 45 5.14 21.10 -33.28
N TRP B 46 6.30 20.44 -33.30
CA TRP B 46 7.48 20.99 -32.64
C TRP B 46 8.05 22.16 -33.42
N SER B 47 8.00 22.10 -34.75
CA SER B 47 8.49 23.22 -35.55
C SER B 47 7.82 24.53 -35.13
N GLU B 48 6.49 24.50 -34.97
CA GLU B 48 5.78 25.73 -34.61
C GLU B 48 6.09 26.17 -33.19
N LEU B 49 6.32 25.23 -32.28
CA LEU B 49 6.62 25.60 -30.90
C LEU B 49 7.93 26.37 -30.82
N LEU B 50 8.92 26.00 -31.65
CA LEU B 50 10.22 26.63 -31.62
C LEU B 50 10.36 27.73 -32.67
N ARG B 51 9.28 28.10 -33.36
CA ARG B 51 9.39 29.08 -34.44
C ARG B 51 10.00 30.38 -33.94
N GLU B 52 9.48 30.91 -32.84
CA GLU B 52 9.91 32.24 -32.38
C GLU B 52 11.31 32.17 -31.75
N ILE B 53 11.59 31.11 -31.01
CA ILE B 53 12.95 30.97 -30.46
C ILE B 53 13.98 31.02 -31.58
N ALA B 54 13.71 30.32 -32.69
CA ALA B 54 14.64 30.34 -33.81
C ALA B 54 14.71 31.73 -34.45
N GLU B 55 13.57 32.40 -34.56
CA GLU B 55 13.55 33.72 -35.20
C GLU B 55 14.37 34.73 -34.40
N GLU B 56 14.40 34.60 -33.08
CA GLU B 56 15.20 35.49 -32.26
C GLU B 56 16.69 35.26 -32.42
N LEU B 57 17.09 34.19 -33.11
CA LEU B 57 18.50 33.90 -33.36
C LEU B 57 18.86 34.10 -34.82
N GLY B 58 17.95 34.65 -35.63
CA GLY B 58 18.21 34.74 -37.05
C GLY B 58 18.08 33.42 -37.77
N LEU B 59 17.46 32.42 -37.13
CA LEU B 59 17.27 31.10 -37.70
C LEU B 59 15.78 30.87 -37.96
N SER B 60 15.49 29.84 -38.75
CA SER B 60 14.10 29.52 -39.08
C SER B 60 13.91 28.02 -39.01
N VAL B 61 12.82 27.58 -38.39
CA VAL B 61 12.53 26.15 -38.24
C VAL B 61 12.27 25.46 -39.57
N GLU B 62 12.11 26.23 -40.66
CA GLU B 62 12.03 25.60 -41.97
C GLU B 62 13.40 25.13 -42.43
N LEU B 63 14.44 25.90 -42.09
CA LEU B 63 15.80 25.53 -42.45
C LEU B 63 16.50 24.71 -41.38
N GLU B 64 16.22 24.96 -40.07
CA GLU B 64 16.90 24.25 -38.98
C GLU B 64 16.15 22.95 -38.65
N HIS B 65 16.78 21.80 -38.87
CA HIS B 65 16.17 20.52 -38.59
C HIS B 65 16.55 19.93 -37.23
N ASP B 66 17.54 20.52 -36.56
CA ASP B 66 17.98 20.07 -35.25
C ASP B 66 17.47 21.07 -34.21
N LEU B 67 16.27 20.82 -33.69
CA LEU B 67 15.64 21.77 -32.78
C LEU B 67 16.22 21.72 -31.38
N ILE B 68 16.91 20.64 -31.01
CA ILE B 68 17.59 20.62 -29.72
C ILE B 68 18.75 21.60 -29.72
N SER B 69 19.49 21.68 -30.82
CA SER B 69 20.61 22.61 -30.92
C SER B 69 20.12 24.05 -30.97
N VAL B 70 19.02 24.29 -31.69
CA VAL B 70 18.45 25.64 -31.73
C VAL B 70 18.13 26.12 -30.32
N ALA B 71 17.49 25.25 -29.52
CA ALA B 71 17.20 25.60 -28.14
C ALA B 71 18.47 25.89 -27.36
N GLN B 72 19.52 25.09 -27.56
CA GLN B 72 20.78 25.34 -26.87
C GLN B 72 21.39 26.67 -27.31
N TYR B 73 21.36 26.97 -28.61
CA TYR B 73 21.86 28.26 -29.06
C TYR B 73 21.15 29.40 -28.35
N HIS B 74 19.84 29.25 -28.10
CA HIS B 74 19.11 30.29 -27.39
C HIS B 74 19.61 30.44 -25.96
N VAL B 75 19.88 29.33 -25.28
CA VAL B 75 20.41 29.41 -23.92
C VAL B 75 21.81 30.01 -23.94
N ASN B 76 22.60 29.67 -24.95
CA ASN B 76 23.96 30.20 -25.04
C ASN B 76 23.95 31.71 -25.22
N LYS B 77 23.18 32.20 -26.19
CA LYS B 77 23.23 33.62 -26.52
C LYS B 77 22.73 34.49 -25.36
N ASN B 78 21.64 34.10 -24.72
CA ASN B 78 21.12 34.85 -23.58
C ASN B 78 21.71 34.38 -22.26
N ASN B 79 22.53 33.33 -22.27
CA ASN B 79 23.14 32.79 -21.05
C ASN B 79 22.07 32.56 -19.98
N SER B 80 20.93 32.00 -20.38
CA SER B 80 19.86 31.77 -19.42
C SER B 80 18.78 30.91 -20.02
N SER B 81 18.06 30.21 -19.14
CA SER B 81 17.04 29.24 -19.53
C SER B 81 15.64 29.85 -19.61
N THR B 82 15.47 31.09 -19.17
CA THR B 82 14.14 31.58 -18.87
C THR B 82 13.32 31.82 -20.14
N GLY B 83 13.91 32.50 -21.14
CA GLY B 83 13.19 32.71 -22.38
C GLY B 83 12.75 31.41 -23.02
N LEU B 84 13.66 30.44 -23.09
CA LEU B 84 13.31 29.12 -23.57
C LEU B 84 12.22 28.49 -22.70
N ALA B 85 12.40 28.54 -21.38
CA ALA B 85 11.45 27.90 -20.49
C ALA B 85 10.04 28.46 -20.67
N ARG B 86 9.91 29.75 -20.96
CA ARG B 86 8.59 30.34 -21.11
C ARG B 86 7.79 29.68 -22.22
N LYS B 87 8.44 29.41 -23.36
CA LYS B 87 7.72 28.88 -24.51
C LYS B 87 7.53 27.37 -24.41
N ILE B 88 8.61 26.63 -24.12
CA ILE B 88 8.54 25.18 -24.22
C ILE B 88 8.16 24.49 -22.92
N LEU B 89 8.06 25.21 -21.82
CA LEU B 89 7.63 24.65 -20.54
C LEU B 89 6.40 25.34 -19.99
N GLU B 90 6.45 26.67 -19.83
CA GLU B 90 5.35 27.38 -19.18
C GLU B 90 4.13 27.43 -20.09
N GLU B 91 4.25 28.08 -21.25
CA GLU B 91 3.12 28.14 -22.17
C GLU B 91 2.79 26.75 -22.72
N PHE B 92 3.81 25.94 -23.00
CA PHE B 92 3.59 24.61 -23.56
C PHE B 92 2.70 23.77 -22.65
N SER B 93 2.87 23.90 -21.34
CA SER B 93 2.13 23.08 -20.39
C SER B 93 0.77 23.63 -20.04
N GLU B 94 0.55 24.95 -20.19
CA GLU B 94 -0.77 25.50 -19.99
C GLU B 94 -1.73 25.08 -21.09
N GLN B 95 -1.21 24.70 -22.26
CA GLN B 95 -2.02 24.15 -23.33
C GLN B 95 -2.36 22.69 -23.11
N ALA B 96 -1.81 22.05 -22.08
CA ALA B 96 -2.06 20.63 -21.85
C ALA B 96 -3.53 20.37 -21.56
N GLU B 97 -4.08 19.34 -22.20
CA GLU B 97 -5.47 18.94 -22.07
C GLU B 97 -5.52 17.42 -21.96
N PRO B 98 -6.33 16.87 -21.06
CA PRO B 98 -6.38 15.40 -20.93
C PRO B 98 -7.10 14.76 -22.10
N SER B 99 -6.37 13.94 -22.86
CA SER B 99 -6.97 13.16 -23.93
C SER B 99 -7.98 12.17 -23.36
N GLU B 100 -8.76 11.58 -24.27
CA GLU B 100 -9.54 10.40 -23.88
C GLU B 100 -8.62 9.25 -23.50
N ALA B 101 -7.57 9.02 -24.31
CA ALA B 101 -6.58 8.01 -23.95
C ALA B 101 -6.00 8.28 -22.57
N HIS B 102 -5.77 9.56 -22.24
CA HIS B 102 -5.20 9.89 -20.94
C HIS B 102 -6.12 9.42 -19.81
N LYS B 103 -7.41 9.72 -19.91
CA LYS B 103 -8.33 9.38 -18.83
C LYS B 103 -8.47 7.88 -18.66
N ILE B 104 -8.45 7.13 -19.77
CA ILE B 104 -8.51 5.67 -19.67
C ILE B 104 -7.29 5.16 -18.90
N LEU B 105 -6.10 5.62 -19.28
CA LEU B 105 -4.89 5.13 -18.62
C LEU B 105 -4.85 5.51 -17.15
N ALA B 106 -5.42 6.67 -16.80
CA ALA B 106 -5.50 7.06 -15.40
C ALA B 106 -6.54 6.26 -14.64
N ARG B 107 -7.53 5.71 -15.33
CA ARG B 107 -8.56 4.92 -14.68
C ARG B 107 -8.08 3.50 -14.36
N LEU B 108 -7.33 2.91 -15.28
CA LEU B 108 -6.89 1.54 -15.10
C LEU B 108 -5.95 1.44 -13.90
N PRO B 109 -5.88 0.27 -13.25
CA PRO B 109 -4.98 0.08 -12.10
C PRO B 109 -3.52 -0.09 -12.52
N ILE B 110 -3.03 0.81 -13.37
CA ILE B 110 -1.62 0.83 -13.74
C ILE B 110 -0.83 1.42 -12.58
N ARG B 111 0.20 0.70 -12.15
CA ARG B 111 0.93 1.10 -10.95
C ARG B 111 2.11 2.02 -11.24
N THR B 112 2.56 2.12 -12.49
CA THR B 112 3.80 2.80 -12.80
C THR B 112 3.60 3.69 -14.03
N TYR B 113 3.71 5.01 -13.82
CA TYR B 113 3.69 5.99 -14.89
C TYR B 113 5.04 6.68 -14.95
N TRP B 114 5.68 6.63 -16.11
CA TRP B 114 6.85 7.44 -16.41
C TRP B 114 6.45 8.51 -17.42
N THR B 115 6.99 9.71 -17.26
CA THR B 115 6.69 10.75 -18.23
C THR B 115 7.86 11.73 -18.32
N THR B 116 8.02 12.29 -19.52
CA THR B 116 8.90 13.43 -19.76
C THR B 116 8.11 14.73 -19.90
N ASN B 117 6.80 14.69 -19.72
CA ASN B 117 5.99 15.89 -19.74
C ASN B 117 6.22 16.70 -18.46
N TYR B 118 6.09 18.01 -18.58
CA TYR B 118 6.16 18.90 -17.42
C TYR B 118 4.81 19.09 -16.77
N ASP B 119 3.72 18.93 -17.52
CA ASP B 119 2.39 19.22 -17.00
C ASP B 119 2.02 18.24 -15.90
N THR B 120 0.89 18.53 -15.24
CA THR B 120 0.43 17.77 -14.08
C THR B 120 -0.74 16.86 -14.40
N LEU B 121 -1.02 16.62 -15.68
CA LEU B 121 -2.26 15.95 -16.05
C LEU B 121 -2.34 14.55 -15.42
N ILE B 122 -1.25 13.80 -15.44
CA ILE B 122 -1.29 12.44 -14.89
C ILE B 122 -1.61 12.49 -13.40
N GLU B 123 -0.88 13.31 -12.65
CA GLU B 123 -1.13 13.43 -11.22
C GLU B 123 -2.55 13.91 -10.94
N ASP B 124 -3.03 14.87 -11.74
CA ASP B 124 -4.37 15.41 -11.51
C ASP B 124 -5.44 14.36 -11.78
N SER B 125 -5.33 13.64 -12.89
CA SER B 125 -6.32 12.62 -13.20
C SER B 125 -6.36 11.53 -12.14
N LEU B 126 -5.19 11.14 -11.63
CA LEU B 126 -5.15 10.13 -10.58
C LEU B 126 -5.91 10.60 -9.35
N LYS B 127 -5.68 11.84 -8.93
CA LYS B 127 -6.38 12.37 -7.76
C LYS B 127 -7.87 12.41 -7.99
N GLU B 128 -8.30 12.78 -9.20
CA GLU B 128 -9.73 12.83 -9.49
C GLU B 128 -10.37 11.45 -9.39
N ASN B 129 -9.62 10.40 -9.77
CA ASN B 129 -10.13 9.04 -9.70
C ASN B 129 -9.86 8.37 -8.36
N TYR B 130 -9.59 9.16 -7.33
CA TYR B 130 -9.41 8.64 -5.97
C TYR B 130 -8.27 7.63 -5.90
N ARG B 131 -7.17 7.95 -6.56
CA ARG B 131 -5.95 7.13 -6.55
C ARG B 131 -4.82 7.94 -5.94
N VAL B 132 -4.23 7.40 -4.87
CA VAL B 132 -3.19 8.10 -4.12
C VAL B 132 -1.87 7.92 -4.86
N ALA B 133 -1.30 9.02 -5.36
CA ALA B 133 -0.13 8.96 -6.22
C ALA B 133 1.13 9.39 -5.46
N ASP B 134 2.22 8.65 -5.71
CA ASP B 134 3.55 8.97 -5.20
C ASP B 134 4.29 9.65 -6.35
N ILE B 135 4.39 10.98 -6.30
CA ILE B 135 4.87 11.77 -7.42
C ILE B 135 6.33 12.10 -7.20
N LYS B 136 7.18 11.65 -8.12
CA LYS B 136 8.62 11.84 -8.06
C LYS B 136 8.98 12.98 -9.02
N ARG B 137 9.15 14.18 -8.47
CA ARG B 137 9.49 15.35 -9.27
C ARG B 137 10.99 15.64 -9.28
N ARG B 138 11.75 15.07 -8.35
CA ARG B 138 13.18 15.29 -8.29
C ARG B 138 13.82 14.07 -7.62
N THR B 139 15.15 13.98 -7.76
CA THR B 139 15.86 12.80 -7.27
C THR B 139 15.64 12.58 -5.77
N ASP B 140 15.45 13.67 -5.02
CA ASP B 140 15.25 13.51 -3.59
C ASP B 140 13.98 12.72 -3.27
N ASP B 141 12.96 12.86 -4.12
CA ASP B 141 11.69 12.18 -3.86
C ASP B 141 11.82 10.67 -3.95
N LEU B 142 12.86 10.15 -4.61
CA LEU B 142 13.01 8.72 -4.80
C LEU B 142 13.48 7.99 -3.55
N ILE B 143 13.90 8.70 -2.51
CA ILE B 143 14.48 8.05 -1.34
C ILE B 143 13.41 7.38 -0.50
N SER B 144 12.22 7.98 -0.43
CA SER B 144 11.15 7.48 0.43
C SER B 144 9.93 7.11 -0.41
N THR B 145 9.24 6.05 0.03
CA THR B 145 8.06 5.53 -0.65
C THR B 145 6.80 5.98 0.09
N ARG B 146 5.86 6.56 -0.65
CA ARG B 146 4.59 6.94 -0.04
C ARG B 146 3.84 5.67 0.36
N PRO B 147 3.47 5.51 1.63
CA PRO B 147 2.79 4.27 2.03
C PRO B 147 1.40 4.15 1.40
N LYS B 148 1.06 2.92 1.03
CA LYS B 148 -0.27 2.58 0.51
C LYS B 148 -0.62 3.32 -0.76
N ARG B 149 0.38 3.77 -1.52
CA ARG B 149 0.11 4.43 -2.79
C ARG B 149 -0.62 3.51 -3.74
N ASP B 150 -1.42 4.10 -4.63
CA ASP B 150 -2.07 3.38 -5.71
C ASP B 150 -1.26 3.42 -7.01
N ALA B 151 -0.28 4.30 -7.10
CA ALA B 151 0.51 4.46 -8.31
C ALA B 151 1.72 5.34 -8.01
N VAL B 152 2.78 5.16 -8.78
CA VAL B 152 3.95 6.02 -8.74
C VAL B 152 4.05 6.73 -10.08
N VAL B 153 4.41 8.01 -10.05
CA VAL B 153 4.54 8.82 -11.25
C VAL B 153 5.94 9.44 -11.24
N TYR B 154 6.76 9.08 -12.22
CA TYR B 154 8.11 9.61 -12.36
C TYR B 154 8.10 10.75 -13.37
N LYS B 155 8.41 11.96 -12.91
CA LYS B 155 8.54 13.12 -13.80
C LYS B 155 10.03 13.30 -14.10
N MET B 156 10.49 12.58 -15.12
CA MET B 156 11.91 12.50 -15.41
C MET B 156 12.52 13.88 -15.60
N HIS B 157 11.83 14.73 -16.37
CA HIS B 157 12.38 16.01 -16.80
C HIS B 157 11.88 17.16 -15.95
N GLY B 158 11.35 16.88 -14.77
CA GLY B 158 10.90 17.93 -13.90
C GLY B 158 9.42 18.22 -14.03
N ASP B 159 9.05 19.41 -13.54
CA ASP B 159 7.66 19.74 -13.29
C ASP B 159 7.46 21.23 -13.44
N VAL B 160 6.28 21.61 -13.94
CA VAL B 160 5.94 23.02 -14.05
C VAL B 160 6.00 23.69 -12.68
N SER B 161 5.92 22.92 -11.60
CA SER B 161 5.90 23.50 -10.26
C SER B 161 7.22 24.16 -9.92
N SER B 162 8.33 23.64 -10.44
CA SER B 162 9.66 24.19 -10.18
C SER B 162 10.42 24.29 -11.51
N PRO B 163 10.09 25.30 -12.33
CA PRO B 163 10.72 25.40 -13.65
C PRO B 163 12.24 25.42 -13.61
N GLY B 164 12.82 25.96 -12.53
CA GLY B 164 14.26 26.07 -12.44
C GLY B 164 14.98 24.74 -12.43
N ASP B 165 14.29 23.66 -12.05
CA ASP B 165 14.89 22.34 -11.96
C ASP B 165 14.49 21.42 -13.09
N ALA B 166 13.83 21.94 -14.11
CA ALA B 166 13.37 21.11 -15.22
C ALA B 166 14.49 20.86 -16.21
N ILE B 167 14.41 19.71 -16.88
CA ILE B 167 15.30 19.37 -17.98
C ILE B 167 14.73 19.98 -19.25
N LEU B 168 15.46 20.91 -19.84
CA LEU B 168 14.92 21.68 -20.96
C LEU B 168 15.81 21.69 -22.19
N TYR B 169 17.13 21.76 -22.03
CA TYR B 169 18.01 21.99 -23.17
C TYR B 169 19.15 20.98 -23.21
N LYS B 170 19.83 20.99 -24.35
CA LYS B 170 20.83 19.98 -24.70
C LYS B 170 21.80 19.71 -23.56
N ALA B 171 22.42 20.77 -23.03
CA ALA B 171 23.47 20.57 -22.05
C ALA B 171 22.99 19.76 -20.85
N GLN B 172 21.73 19.93 -20.45
CA GLN B 172 21.21 19.13 -19.34
C GLN B 172 21.00 17.68 -19.76
N TYR B 173 20.49 17.46 -20.98
CA TYR B 173 20.32 16.10 -21.46
C TYR B 173 21.64 15.34 -21.45
N GLU B 174 22.73 16.01 -21.86
CA GLU B 174 24.01 15.33 -21.97
C GLU B 174 24.51 14.84 -20.61
N GLN B 175 24.20 15.55 -19.54
CA GLN B 175 24.66 15.20 -18.21
C GLN B 175 23.58 14.53 -17.38
N TYR B 176 22.43 14.23 -17.97
CA TYR B 176 21.33 13.65 -17.21
C TYR B 176 21.75 12.36 -16.50
N TYR B 177 22.58 11.56 -17.16
CA TYR B 177 22.95 10.27 -16.57
C TYR B 177 23.73 10.41 -15.27
N LYS B 178 24.26 11.59 -14.97
CA LYS B 178 24.87 11.84 -13.67
C LYS B 178 23.97 12.68 -12.76
N THR B 179 23.42 13.79 -13.27
CA THR B 179 22.64 14.67 -12.42
C THR B 179 21.36 13.99 -11.94
N HIS B 180 20.78 13.10 -12.74
CA HIS B 180 19.53 12.42 -12.42
C HIS B 180 19.73 10.89 -12.45
N GLU B 181 20.87 10.43 -11.96
CA GLU B 181 21.17 9.00 -11.97
C GLU B 181 20.03 8.19 -11.35
N GLY B 182 19.41 8.73 -10.30
CA GLY B 182 18.36 7.98 -9.61
C GLY B 182 17.20 7.64 -10.53
N PHE B 183 16.80 8.58 -11.39
CA PHE B 183 15.74 8.30 -12.33
C PHE B 183 16.16 7.22 -13.33
N VAL B 184 17.42 7.28 -13.79
CA VAL B 184 17.89 6.31 -14.77
C VAL B 184 17.94 4.92 -14.15
N THR B 185 18.43 4.82 -12.92
CA THR B 185 18.48 3.51 -12.25
C THR B 185 17.10 2.93 -12.07
N ALA B 186 16.15 3.75 -11.61
CA ALA B 186 14.78 3.28 -11.44
C ALA B 186 14.19 2.82 -12.77
N LEU B 187 14.43 3.59 -13.84
CA LEU B 187 13.86 3.24 -15.13
C LEU B 187 14.45 1.92 -15.65
N SER B 188 15.76 1.74 -15.52
CA SER B 188 16.37 0.50 -15.96
C SER B 188 15.78 -0.69 -15.23
N GLY B 189 15.46 -0.52 -13.95
CA GLY B 189 14.82 -1.59 -13.20
C GLY B 189 13.42 -1.90 -13.70
N ASP B 190 12.66 -0.86 -14.03
CA ASP B 190 11.31 -1.08 -14.55
C ASP B 190 11.34 -1.66 -15.95
N LEU B 191 12.39 -1.37 -16.73
CA LEU B 191 12.45 -1.89 -18.09
C LEU B 191 12.69 -3.39 -18.14
N ILE B 192 13.23 -3.98 -17.07
CA ILE B 192 13.47 -5.42 -17.04
C ILE B 192 12.42 -6.15 -16.20
N SER B 193 11.44 -5.44 -15.66
CA SER B 193 10.41 -6.06 -14.84
C SER B 193 9.00 -5.69 -15.25
N LYS B 194 8.81 -4.80 -16.21
CA LYS B 194 7.48 -4.30 -16.55
C LYS B 194 7.34 -4.22 -18.07
N THR B 195 6.09 -4.13 -18.52
CA THR B 195 5.76 -4.01 -19.93
C THR B 195 5.26 -2.59 -20.16
N PHE B 196 6.05 -1.80 -20.88
CA PHE B 196 5.76 -0.38 -21.07
C PHE B 196 4.87 -0.15 -22.28
N LEU B 197 3.96 0.81 -22.17
CA LEU B 197 3.24 1.37 -23.30
C LEU B 197 3.74 2.79 -23.50
N PHE B 198 4.52 2.99 -24.56
CA PHE B 198 4.97 4.34 -24.93
C PHE B 198 3.86 5.01 -25.74
N ILE B 199 3.39 6.16 -25.28
CA ILE B 199 2.26 6.84 -25.91
C ILE B 199 2.52 8.34 -25.90
N GLY B 200 2.24 8.98 -27.02
CA GLY B 200 2.45 10.40 -27.16
C GLY B 200 3.78 10.80 -27.74
N PHE B 201 4.51 9.87 -28.35
CA PHE B 201 5.83 10.15 -28.91
C PHE B 201 5.76 10.14 -30.42
N SER B 202 6.52 11.06 -31.03
CA SER B 202 6.66 11.17 -32.47
C SER B 202 8.14 11.15 -32.81
N PHE B 203 8.45 10.85 -34.06
CA PHE B 203 9.85 10.90 -34.48
C PHE B 203 10.29 12.30 -34.90
N THR B 204 9.44 13.29 -34.74
CA THR B 204 9.84 14.70 -34.79
C THR B 204 10.10 15.26 -33.41
N ASP B 205 9.92 14.48 -32.35
CA ASP B 205 10.26 14.90 -31.00
C ASP B 205 11.75 15.24 -30.94
N PRO B 206 12.11 16.50 -30.70
CA PRO B 206 13.55 16.82 -30.65
C PRO B 206 14.30 16.01 -29.62
N ASN B 207 13.62 15.54 -28.58
CA ASN B 207 14.25 14.90 -27.44
C ASN B 207 14.22 13.38 -27.52
N LEU B 208 13.71 12.81 -28.61
CA LEU B 208 13.42 11.39 -28.63
C LEU B 208 14.69 10.56 -28.44
N ASP B 209 15.76 10.89 -29.16
CA ASP B 209 16.99 10.10 -29.07
C ASP B 209 17.54 10.09 -27.65
N TYR B 210 17.44 11.22 -26.94
CA TYR B 210 17.90 11.25 -25.56
C TYR B 210 17.09 10.29 -24.69
N ILE B 211 15.78 10.25 -24.90
CA ILE B 211 14.93 9.38 -24.09
C ILE B 211 15.17 7.92 -24.43
N LEU B 212 15.26 7.59 -25.73
CA LEU B 212 15.40 6.20 -26.13
C LEU B 212 16.75 5.62 -25.71
N SER B 213 17.81 6.44 -25.72
CA SER B 213 19.13 5.94 -25.34
C SER B 213 19.19 5.52 -23.88
N ARG B 214 18.23 5.95 -23.06
CA ARG B 214 18.18 5.52 -21.67
C ARG B 214 17.54 4.15 -21.51
N LEU B 215 17.06 3.54 -22.59
CA LEU B 215 16.28 2.32 -22.51
C LEU B 215 17.11 1.06 -22.72
N HIS B 216 18.43 1.18 -22.80
CA HIS B 216 19.25 0.00 -23.07
C HIS B 216 19.40 -0.85 -21.82
N VAL B 217 19.19 -2.15 -21.97
CA VAL B 217 19.46 -3.12 -20.92
C VAL B 217 20.10 -4.35 -21.57
N PRO B 218 20.76 -5.18 -20.76
CA PRO B 218 21.35 -6.40 -21.33
C PRO B 218 20.29 -7.26 -22.01
N GLU B 219 20.63 -7.78 -23.19
CA GLU B 219 19.67 -8.54 -23.98
C GLU B 219 19.06 -9.69 -23.18
N LYS B 220 19.83 -10.26 -22.26
CA LYS B 220 19.34 -11.36 -21.43
C LYS B 220 18.11 -10.95 -20.62
N HIS B 221 18.00 -9.68 -20.27
CA HIS B 221 16.92 -9.18 -19.44
C HIS B 221 15.95 -8.30 -20.21
N ARG B 222 16.24 -8.02 -21.49
CA ARG B 222 15.39 -7.13 -22.26
C ARG B 222 13.97 -7.69 -22.36
N ARG B 223 13.00 -6.79 -22.32
CA ARG B 223 11.60 -7.12 -22.49
C ARG B 223 11.06 -6.42 -23.72
N ARG B 224 9.90 -6.87 -24.18
CA ARG B 224 9.22 -6.26 -25.33
C ARG B 224 8.22 -5.24 -24.82
N HIS B 225 8.28 -4.04 -25.38
CA HIS B 225 7.39 -2.94 -25.03
C HIS B 225 6.66 -2.48 -26.29
N TYR B 226 5.75 -1.52 -26.12
CA TYR B 226 4.88 -1.09 -27.20
C TYR B 226 4.87 0.43 -27.30
N CYS B 227 4.67 0.92 -28.50
CA CYS B 227 4.68 2.36 -28.76
C CYS B 227 3.68 2.69 -29.86
N PHE B 228 2.71 3.54 -29.53
CA PHE B 228 1.72 3.97 -30.51
C PHE B 228 2.37 4.92 -31.52
N LEU B 229 2.09 4.70 -32.80
CA LEU B 229 2.55 5.58 -33.86
C LEU B 229 1.47 5.71 -34.92
N ARG B 230 1.25 6.92 -35.41
CA ARG B 230 0.31 7.13 -36.51
C ARG B 230 0.99 6.72 -37.81
N LYS B 231 0.38 5.80 -38.57
CA LYS B 231 0.96 5.40 -39.85
C LYS B 231 0.87 6.55 -40.86
N GLU B 232 1.96 6.79 -41.57
CA GLU B 232 2.01 7.90 -42.53
C GLU B 232 0.96 7.74 -43.61
N PRO B 233 0.19 8.78 -43.93
CA PRO B 233 -0.87 8.64 -44.92
C PRO B 233 -0.30 8.48 -46.32
N SER B 234 -1.16 7.96 -47.21
CA SER B 234 -0.71 7.60 -48.55
C SER B 234 -0.52 8.83 -49.42
N LEU B 235 -1.49 9.73 -49.42
CA LEU B 235 -1.50 10.75 -50.46
C LEU B 235 -0.99 12.09 -49.97
N PRO B 236 -0.55 12.95 -50.89
CA PRO B 236 0.29 14.10 -50.50
C PRO B 236 -0.23 15.00 -49.38
N GLN B 237 0.70 15.75 -48.79
CA GLN B 237 0.40 16.73 -47.74
C GLN B 237 1.18 18.00 -48.04
N GLY B 238 0.48 19.14 -48.05
CA GLY B 238 1.15 20.39 -48.32
C GLY B 238 1.77 20.40 -49.72
N ASN B 239 2.99 20.90 -49.81
CA ASN B 239 3.71 20.98 -51.09
C ASN B 239 4.46 19.67 -51.33
N GLU B 240 3.67 18.63 -51.63
CA GLU B 240 4.19 17.29 -51.83
C GLU B 240 3.59 16.68 -53.08
N ASP B 241 4.34 15.78 -53.70
CA ASP B 241 3.91 14.99 -54.85
C ASP B 241 3.99 13.51 -54.50
N GLU B 242 3.49 12.67 -55.41
CA GLU B 242 3.42 11.24 -55.14
C GLU B 242 4.79 10.65 -54.87
N ALA B 243 5.86 11.23 -55.45
CA ALA B 243 7.21 10.82 -55.08
C ALA B 243 7.53 11.25 -53.65
N GLY B 244 7.15 12.47 -53.28
CA GLY B 244 7.39 12.93 -51.93
C GLY B 244 6.55 12.19 -50.89
N ALA B 245 5.33 11.83 -51.25
CA ALA B 245 4.48 11.08 -50.32
C ALA B 245 5.06 9.69 -50.06
N MET B 246 5.52 9.01 -51.11
CA MET B 246 6.06 7.66 -50.92
C MET B 246 7.38 7.68 -50.17
N TYR B 247 8.19 8.73 -50.35
CA TYR B 247 9.40 8.87 -49.57
C TYR B 247 9.08 9.06 -48.09
N ARG B 248 8.10 9.91 -47.79
CA ARG B 248 7.68 10.11 -46.40
C ARG B 248 7.26 8.79 -45.77
N GLN B 249 6.55 7.95 -46.53
CA GLN B 249 6.05 6.70 -45.96
C GLN B 249 7.19 5.70 -45.74
N ARG B 250 7.94 5.37 -46.79
CA ARG B 250 8.96 4.33 -46.69
C ARG B 250 10.02 4.71 -45.66
N ARG B 251 10.20 6.00 -45.42
CA ARG B 251 11.11 6.44 -44.36
C ARG B 251 10.61 5.98 -43.01
N GLN B 252 9.29 5.96 -42.82
CA GLN B 252 8.72 5.56 -41.54
C GLN B 252 9.05 4.10 -41.22
N GLU B 253 9.29 3.28 -42.24
CA GLU B 253 9.63 1.88 -41.98
C GLU B 253 10.93 1.77 -41.21
N HIS B 254 11.85 2.72 -41.40
CA HIS B 254 13.12 2.68 -40.68
C HIS B 254 12.94 3.14 -39.23
N HIS B 255 12.05 4.10 -38.99
CA HIS B 255 11.67 4.44 -37.62
C HIS B 255 11.20 3.18 -36.88
N ILE B 256 10.27 2.44 -37.50
CA ILE B 256 9.67 1.29 -36.83
C ILE B 256 10.75 0.26 -36.51
N ARG B 257 11.61 -0.04 -37.48
CA ARG B 257 12.68 -1.01 -37.23
C ARG B 257 13.66 -0.49 -36.18
N ASP B 258 13.92 0.82 -36.16
CA ASP B 258 14.83 1.38 -35.17
C ASP B 258 14.33 1.13 -33.75
N LEU B 259 13.02 1.26 -33.53
CA LEU B 259 12.47 1.06 -32.19
C LEU B 259 12.77 -0.33 -31.66
N LEU B 260 13.00 -1.31 -32.55
CA LEU B 260 13.24 -2.67 -32.10
C LEU B 260 14.57 -2.77 -31.35
N ARG B 261 15.50 -1.85 -31.63
CA ARG B 261 16.75 -1.80 -30.89
C ARG B 261 16.50 -1.89 -29.40
N PHE B 262 15.48 -1.16 -28.94
CA PHE B 262 15.18 -1.00 -27.52
C PHE B 262 14.10 -1.95 -27.05
N GLY B 263 13.76 -2.96 -27.84
CA GLY B 263 12.69 -3.88 -27.48
C GLY B 263 11.31 -3.31 -27.67
N ILE B 264 11.18 -2.21 -28.40
CA ILE B 264 9.90 -1.53 -28.58
C ILE B 264 9.28 -1.98 -29.88
N GLN B 265 8.03 -2.40 -29.82
CA GLN B 265 7.24 -2.79 -30.99
C GLN B 265 6.23 -1.68 -31.27
N ALA B 266 6.29 -1.13 -32.49
CA ALA B 266 5.34 -0.10 -32.86
C ALA B 266 3.94 -0.68 -33.01
N VAL B 267 2.95 0.06 -32.53
CA VAL B 267 1.55 -0.28 -32.71
C VAL B 267 0.95 0.81 -33.60
N LEU B 268 0.76 0.49 -34.87
CA LEU B 268 0.39 1.49 -35.87
C LEU B 268 -1.11 1.72 -35.89
N VAL B 269 -1.50 2.99 -35.92
CA VAL B 269 -2.89 3.41 -36.03
C VAL B 269 -3.00 4.40 -37.18
N ASN B 270 -4.12 4.35 -37.90
CA ASN B 270 -4.30 5.27 -39.03
C ASN B 270 -4.65 6.68 -38.57
N GLU B 271 -5.28 6.81 -37.41
CA GLU B 271 -5.60 8.12 -36.85
C GLU B 271 -5.34 8.08 -35.35
N TYR B 272 -5.05 9.25 -34.77
CA TYR B 272 -4.84 9.32 -33.33
C TYR B 272 -6.12 8.99 -32.57
N ASP B 273 -7.29 9.22 -33.19
CA ASP B 273 -8.55 8.87 -32.55
C ASP B 273 -8.69 7.36 -32.37
N ASP B 274 -7.91 6.56 -33.10
CA ASP B 274 -7.98 5.12 -32.93
C ASP B 274 -7.40 4.69 -31.59
N ILE B 275 -6.46 5.47 -31.04
CA ILE B 275 -5.82 5.06 -29.79
C ILE B 275 -6.83 4.86 -28.68
N PRO B 276 -7.69 5.83 -28.34
CA PRO B 276 -8.65 5.58 -27.25
C PRO B 276 -9.56 4.39 -27.47
N LEU B 277 -9.87 4.06 -28.73
CA LEU B 277 -10.70 2.89 -28.97
C LEU B 277 -9.95 1.60 -28.67
N ILE B 278 -8.65 1.56 -29.00
CA ILE B 278 -7.85 0.40 -28.64
C ILE B 278 -7.74 0.28 -27.13
N LEU B 279 -7.56 1.41 -26.44
CA LEU B 279 -7.46 1.38 -24.99
C LEU B 279 -8.77 0.97 -24.33
N LYS B 280 -9.90 1.44 -24.88
CA LYS B 280 -11.19 1.01 -24.35
C LYS B 280 -11.36 -0.50 -24.46
N GLU B 281 -10.94 -1.08 -25.58
CA GLU B 281 -10.99 -2.54 -25.73
C GLU B 281 -10.12 -3.22 -24.68
N ILE B 282 -8.93 -2.66 -24.41
CA ILE B 282 -8.07 -3.21 -23.37
C ILE B 282 -8.77 -3.15 -22.02
N GLU B 283 -9.37 -1.99 -21.72
CA GLU B 283 -10.06 -1.84 -20.44
C GLU B 283 -11.18 -2.86 -20.31
N SER B 284 -12.04 -2.96 -21.33
CA SER B 284 -13.20 -3.84 -21.23
C SER B 284 -12.78 -5.29 -21.03
N ARG B 285 -11.72 -5.73 -21.73
CA ARG B 285 -11.25 -7.10 -21.55
C ARG B 285 -10.61 -7.29 -20.19
N PHE B 286 -9.90 -6.27 -19.71
CA PHE B 286 -9.22 -6.42 -18.43
C PHE B 286 -10.20 -6.48 -17.27
N LEU B 287 -11.25 -5.66 -17.32
CA LEU B 287 -12.19 -5.55 -16.21
C LEU B 287 -13.07 -6.79 -16.04
N LYS B 288 -12.98 -7.77 -16.95
CA LYS B 288 -13.76 -8.99 -16.78
C LYS B 288 -13.37 -9.76 -15.52
N LYS B 289 -12.29 -9.37 -14.84
CA LYS B 289 -11.89 -10.00 -13.59
C LYS B 289 -12.08 -9.07 -12.39
N THR B 290 -12.85 -8.00 -12.55
CA THR B 290 -13.20 -7.10 -11.46
C THR B 290 -14.71 -7.14 -11.28
N ILE B 291 -15.15 -7.57 -10.09
CA ILE B 291 -16.54 -7.94 -9.84
C ILE B 291 -17.15 -6.93 -8.87
N PHE B 292 -18.18 -6.23 -9.33
CA PHE B 292 -18.98 -5.35 -8.49
C PHE B 292 -20.04 -6.17 -7.76
N ILE B 293 -20.11 -6.01 -6.45
CA ILE B 293 -21.11 -6.68 -5.63
C ILE B 293 -22.18 -5.66 -5.26
N SER B 294 -23.35 -5.79 -5.87
CA SER B 294 -24.48 -4.92 -5.60
C SER B 294 -25.50 -5.66 -4.75
N GLY B 295 -26.02 -4.98 -3.73
CA GLY B 295 -27.03 -5.59 -2.89
C GLY B 295 -27.13 -4.91 -1.54
N SER B 296 -28.27 -5.10 -0.91
CA SER B 296 -28.57 -4.55 0.41
C SER B 296 -29.71 -5.36 0.98
N ALA B 297 -29.86 -5.30 2.30
CA ALA B 297 -30.91 -6.09 2.95
C ALA B 297 -31.25 -5.52 4.30
N GLU B 298 -32.52 -5.18 4.51
CA GLU B 298 -33.11 -5.02 5.83
C GLU B 298 -33.59 -6.36 6.37
N GLU B 299 -34.10 -7.21 5.49
CA GLU B 299 -34.53 -8.57 5.82
C GLU B 299 -33.99 -9.52 4.77
N TYR B 300 -34.11 -10.82 5.03
CA TYR B 300 -33.55 -11.84 4.15
C TYR B 300 -34.57 -12.88 3.71
N GLY B 301 -35.82 -12.73 4.07
CA GLY B 301 -36.88 -13.53 3.47
C GLY B 301 -36.66 -15.02 3.66
N ALA B 302 -36.63 -15.75 2.54
CA ALA B 302 -36.46 -17.20 2.58
C ALA B 302 -35.06 -17.62 3.01
N TRP B 303 -34.14 -16.66 3.19
CA TRP B 303 -32.84 -16.93 3.75
C TRP B 303 -32.81 -16.55 5.22
N ASP B 304 -32.15 -17.37 6.03
CA ASP B 304 -31.78 -16.96 7.38
C ASP B 304 -30.65 -15.94 7.29
N LYS B 305 -30.69 -14.93 8.16
CA LYS B 305 -29.73 -13.83 8.10
C LYS B 305 -28.30 -14.37 8.10
N GLN B 306 -27.95 -15.14 9.13
CA GLN B 306 -26.59 -15.66 9.20
C GLN B 306 -26.26 -16.57 8.02
N GLU B 307 -27.26 -17.28 7.50
CA GLU B 307 -27.06 -18.04 6.27
C GLU B 307 -26.71 -17.11 5.11
N ALA B 308 -27.44 -16.00 4.99
CA ALA B 308 -27.19 -15.06 3.90
C ALA B 308 -25.82 -14.40 4.03
N LEU B 309 -25.54 -13.84 5.21
CA LEU B 309 -24.25 -13.18 5.40
C LEU B 309 -23.09 -14.15 5.23
N ASN B 310 -23.28 -15.41 5.67
CA ASN B 310 -22.24 -16.40 5.48
C ASN B 310 -22.03 -16.70 4.01
N PHE B 311 -23.10 -16.76 3.23
CA PHE B 311 -22.96 -16.97 1.79
C PHE B 311 -22.23 -15.79 1.14
N VAL B 312 -22.59 -14.56 1.51
CA VAL B 312 -21.92 -13.39 0.94
C VAL B 312 -20.45 -13.40 1.31
N HIS B 313 -20.14 -13.70 2.57
CA HIS B 313 -18.75 -13.81 3.01
C HIS B 313 -17.99 -14.82 2.16
N ILE B 314 -18.54 -16.03 2.02
CA ILE B 314 -17.84 -17.08 1.28
C ILE B 314 -17.68 -16.69 -0.18
N LEU B 315 -18.73 -16.15 -0.80
CA LEU B 315 -18.62 -15.71 -2.19
C LEU B 315 -17.48 -14.72 -2.35
N SER B 316 -17.45 -13.68 -1.53
CA SER B 316 -16.41 -12.67 -1.65
C SER B 316 -15.02 -13.29 -1.48
N SER B 317 -14.87 -14.15 -0.46
CA SER B 317 -13.59 -14.81 -0.24
C SER B 317 -13.18 -15.64 -1.45
N SER B 318 -14.13 -16.36 -2.04
CA SER B 318 -13.80 -17.21 -3.19
C SER B 318 -13.40 -16.37 -4.39
N LEU B 319 -14.08 -15.26 -4.63
CA LEU B 319 -13.68 -14.38 -5.74
C LEU B 319 -12.22 -13.97 -5.60
N VAL B 320 -11.81 -13.58 -4.39
CA VAL B 320 -10.42 -13.24 -4.16
C VAL B 320 -9.52 -14.44 -4.40
N LYS B 321 -9.90 -15.60 -3.85
CA LYS B 321 -9.05 -16.78 -3.96
C LYS B 321 -8.96 -17.31 -5.38
N ASN B 322 -9.92 -16.97 -6.24
CA ASN B 322 -9.88 -17.37 -7.64
C ASN B 322 -9.34 -16.27 -8.54
N GLY B 323 -8.71 -15.24 -7.98
CA GLY B 323 -7.98 -14.27 -8.76
C GLY B 323 -8.75 -13.05 -9.18
N TYR B 324 -9.93 -12.82 -8.62
CA TYR B 324 -10.72 -11.66 -8.98
C TYR B 324 -10.46 -10.50 -8.02
N ARG B 325 -10.75 -9.30 -8.51
CA ARG B 325 -10.83 -8.11 -7.67
C ARG B 325 -12.30 -7.84 -7.36
N VAL B 326 -12.58 -7.48 -6.12
CA VAL B 326 -13.94 -7.30 -5.64
C VAL B 326 -14.16 -5.81 -5.37
N VAL B 327 -15.17 -5.24 -6.03
CA VAL B 327 -15.59 -3.87 -5.79
C VAL B 327 -16.82 -3.91 -4.89
N ASN B 328 -16.71 -3.35 -3.69
CA ASN B 328 -17.79 -3.41 -2.73
C ASN B 328 -18.79 -2.30 -2.99
N GLY B 329 -20.04 -2.69 -3.29
CA GLY B 329 -21.11 -1.71 -3.41
C GLY B 329 -21.43 -1.01 -2.11
N PHE B 330 -21.07 -1.62 -0.98
CA PHE B 330 -21.25 -1.02 0.34
C PHE B 330 -22.72 -0.93 0.75
N GLY B 331 -23.55 -1.85 0.25
CA GLY B 331 -24.94 -1.84 0.63
C GLY B 331 -25.14 -2.32 2.05
N TRP B 332 -26.19 -1.79 2.68
CA TRP B 332 -26.48 -2.17 4.07
C TRP B 332 -26.77 -3.65 4.17
N GLY B 333 -26.14 -4.30 5.15
CA GLY B 333 -26.38 -5.70 5.44
C GLY B 333 -25.75 -6.67 4.47
N ILE B 334 -24.99 -6.17 3.49
CA ILE B 334 -24.33 -7.02 2.50
C ILE B 334 -22.88 -6.59 2.40
N GLY B 335 -22.64 -5.28 2.46
CA GLY B 335 -21.30 -4.76 2.26
C GLY B 335 -20.32 -5.18 3.34
N SER B 336 -20.79 -5.33 4.57
CA SER B 336 -19.90 -5.75 5.65
CA SER B 336 -19.90 -5.75 5.65
C SER B 336 -19.42 -7.18 5.42
N ALA B 337 -20.29 -8.05 4.93
CA ALA B 337 -19.90 -9.43 4.67
C ALA B 337 -18.97 -9.51 3.46
N VAL B 338 -19.19 -8.65 2.46
CA VAL B 338 -18.25 -8.57 1.34
C VAL B 338 -16.87 -8.19 1.85
N ILE B 339 -16.80 -7.16 2.69
CA ILE B 339 -15.50 -6.72 3.22
C ILE B 339 -14.85 -7.86 4.00
N ASN B 340 -15.58 -8.45 4.93
CA ASN B 340 -14.98 -9.45 5.80
C ASN B 340 -14.55 -10.68 5.03
N GLY B 341 -15.33 -11.09 4.04
CA GLY B 341 -14.96 -12.24 3.23
C GLY B 341 -13.68 -12.00 2.45
N ALA B 342 -13.59 -10.85 1.79
CA ALA B 342 -12.41 -10.55 0.98
C ALA B 342 -11.17 -10.38 1.86
N LEU B 343 -11.32 -9.70 2.99
CA LEU B 343 -10.17 -9.51 3.88
C LEU B 343 -9.69 -10.83 4.46
N GLU B 344 -10.62 -11.72 4.81
CA GLU B 344 -10.23 -13.04 5.31
C GLU B 344 -9.34 -13.75 4.29
N ALA B 345 -9.74 -13.73 3.02
CA ALA B 345 -8.94 -14.36 1.98
C ALA B 345 -7.59 -13.67 1.82
N ILE B 346 -7.57 -12.34 1.84
CA ILE B 346 -6.33 -11.61 1.62
C ILE B 346 -5.29 -11.98 2.66
N TYR B 347 -5.66 -11.90 3.94
CA TYR B 347 -4.72 -12.20 5.01
C TYR B 347 -4.53 -13.69 5.25
N SER B 348 -5.38 -14.53 4.64
CA SER B 348 -5.12 -15.97 4.68
C SER B 348 -3.78 -16.29 4.01
N LYS B 349 -3.51 -15.66 2.87
CA LYS B 349 -2.30 -15.90 2.10
C LYS B 349 -1.74 -14.56 1.65
N PRO B 350 -1.18 -13.78 2.59
CA PRO B 350 -0.64 -12.45 2.23
C PRO B 350 0.49 -12.53 1.22
N ASP B 351 1.08 -13.70 1.00
CA ASP B 351 2.06 -13.85 -0.07
C ASP B 351 1.41 -13.74 -1.43
N LYS B 352 0.26 -14.40 -1.63
CA LYS B 352 -0.39 -14.47 -2.93
C LYS B 352 -1.37 -13.32 -3.14
N TYR B 353 -2.38 -13.21 -2.28
CA TYR B 353 -3.43 -12.22 -2.46
C TYR B 353 -2.98 -10.86 -1.91
N SER B 354 -3.80 -9.84 -2.17
CA SER B 354 -3.40 -8.48 -1.88
C SER B 354 -4.59 -7.63 -1.48
N GLU B 355 -4.32 -6.59 -0.70
CA GLU B 355 -5.32 -5.58 -0.39
C GLU B 355 -5.80 -4.88 -1.65
N GLU B 356 -5.08 -5.01 -2.76
CA GLU B 356 -5.54 -4.47 -4.02
C GLU B 356 -6.78 -5.21 -4.54
N GLN B 357 -7.05 -6.41 -4.02
CA GLN B 357 -8.18 -7.21 -4.49
C GLN B 357 -9.50 -6.82 -3.83
N LEU B 358 -9.49 -5.82 -2.96
CA LEU B 358 -10.71 -5.27 -2.37
C LEU B 358 -10.74 -3.77 -2.61
N ILE B 359 -11.72 -3.31 -3.38
CA ILE B 359 -11.83 -1.91 -3.76
C ILE B 359 -12.96 -1.30 -2.95
N MET B 360 -12.61 -0.31 -2.12
CA MET B 360 -13.56 0.37 -1.25
CA MET B 360 -13.56 0.36 -1.24
C MET B 360 -13.40 1.87 -1.43
N ARG B 361 -14.51 2.56 -1.64
CA ARG B 361 -14.51 4.02 -1.72
C ARG B 361 -15.74 4.53 -0.99
N PRO B 362 -15.62 5.68 -0.31
CA PRO B 362 -16.72 6.11 0.56
C PRO B 362 -17.96 6.48 -0.23
N PHE B 363 -19.13 6.09 0.29
CA PHE B 363 -20.39 6.44 -0.33
C PHE B 363 -20.93 7.73 0.25
N PRO B 364 -21.86 8.39 -0.44
CA PRO B 364 -22.31 9.71 0.02
C PRO B 364 -23.08 9.61 1.33
N GLN B 365 -22.76 10.52 2.24
CA GLN B 365 -23.46 10.67 3.52
C GLN B 365 -24.21 11.98 3.63
N HIS B 366 -23.66 13.06 3.08
CA HIS B 366 -24.24 14.38 3.23
C HIS B 366 -24.37 15.07 1.88
N SER B 367 -25.36 15.94 1.79
CA SER B 367 -25.47 16.85 0.65
C SER B 367 -24.30 17.83 0.67
N SER B 368 -23.97 18.36 -0.50
CA SER B 368 -23.10 19.52 -0.62
C SER B 368 -23.93 20.72 -1.07
N ASN B 369 -23.31 21.88 -1.08
CA ASN B 369 -24.03 23.08 -1.53
C ASN B 369 -24.34 22.99 -3.02
N ASP B 370 -23.51 22.30 -3.79
CA ASP B 370 -23.71 22.20 -5.23
C ASP B 370 -24.56 21.00 -5.63
N LYS B 371 -24.49 19.90 -4.89
CA LYS B 371 -25.13 18.66 -5.30
C LYS B 371 -26.00 18.10 -4.19
N ALA B 372 -27.19 17.64 -4.57
CA ALA B 372 -28.04 16.89 -3.65
C ALA B 372 -27.51 15.47 -3.50
N LEU B 373 -27.91 14.82 -2.41
CA LEU B 373 -27.57 13.41 -2.23
C LEU B 373 -27.98 12.60 -3.46
N SER B 374 -29.15 12.91 -4.01
CA SER B 374 -29.57 12.46 -5.33
C SER B 374 -28.41 12.24 -6.28
N GLU B 375 -27.69 13.31 -6.59
CA GLU B 375 -26.68 13.27 -7.64
C GLU B 375 -25.36 12.68 -7.16
N LEU B 376 -25.02 12.87 -5.88
CA LEU B 376 -23.81 12.25 -5.36
C LEU B 376 -23.88 10.74 -5.43
N TRP B 377 -25.06 10.17 -5.12
CA TRP B 377 -25.21 8.72 -5.18
C TRP B 377 -25.08 8.22 -6.61
N ASP B 378 -25.70 8.90 -7.58
CA ASP B 378 -25.58 8.46 -8.96
C ASP B 378 -24.15 8.56 -9.47
N GLU B 379 -23.43 9.60 -9.04
CA GLU B 379 -22.03 9.73 -9.43
C GLU B 379 -21.18 8.64 -8.79
N TYR B 380 -21.49 8.29 -7.54
CA TYR B 380 -20.78 7.21 -6.86
C TYR B 380 -21.00 5.87 -7.58
N ARG B 381 -22.26 5.55 -7.89
CA ARG B 381 -22.55 4.29 -8.56
C ARG B 381 -21.91 4.24 -9.94
N GLN B 382 -21.94 5.35 -10.67
CA GLN B 382 -21.30 5.39 -11.98
C GLN B 382 -19.80 5.15 -11.87
N ARG B 383 -19.16 5.74 -10.86
CA ARG B 383 -17.72 5.58 -10.71
C ARG B 383 -17.37 4.15 -10.30
N MET B 384 -18.11 3.59 -9.33
CA MET B 384 -17.77 2.27 -8.81
C MET B 384 -18.03 1.18 -9.85
N ILE B 385 -19.19 1.23 -10.50
CA ILE B 385 -19.45 0.30 -11.59
C ILE B 385 -18.44 0.49 -12.71
N GLY B 386 -18.00 1.73 -12.93
CA GLY B 386 -16.99 2.00 -13.95
C GLY B 386 -15.69 1.26 -13.72
N LEU B 387 -15.42 0.84 -12.49
CA LEU B 387 -14.21 0.10 -12.18
C LEU B 387 -14.36 -1.40 -12.38
N SER B 388 -15.54 -1.87 -12.79
CA SER B 388 -15.81 -3.31 -12.87
CA SER B 388 -15.83 -3.30 -12.87
C SER B 388 -16.25 -3.68 -14.28
N GLY B 389 -16.16 -4.98 -14.57
CA GLY B 389 -16.58 -5.52 -15.84
C GLY B 389 -17.74 -6.49 -15.69
N ILE B 390 -18.00 -6.92 -14.46
CA ILE B 390 -19.10 -7.82 -14.15
C ILE B 390 -19.71 -7.38 -12.82
N ALA B 391 -21.04 -7.41 -12.74
CA ALA B 391 -21.76 -7.03 -11.53
C ALA B 391 -22.68 -8.17 -11.11
N ILE B 392 -22.58 -8.56 -9.83
CA ILE B 392 -23.46 -9.54 -9.22
C ILE B 392 -24.44 -8.81 -8.31
N PHE B 393 -25.71 -9.21 -8.35
CA PHE B 393 -26.76 -8.55 -7.59
C PHE B 393 -27.37 -9.52 -6.60
N LEU B 394 -27.44 -9.09 -5.34
CA LEU B 394 -27.80 -9.96 -4.23
C LEU B 394 -28.88 -9.29 -3.40
N PHE B 395 -29.98 -10.03 -3.15
CA PHE B 395 -31.04 -9.52 -2.30
C PHE B 395 -31.48 -8.15 -2.81
N GLY B 396 -31.43 -7.13 -1.95
CA GLY B 396 -31.79 -5.80 -2.39
C GLY B 396 -33.15 -5.35 -1.88
N ASN B 397 -33.20 -4.93 -0.62
CA ASN B 397 -34.44 -4.46 -0.02
C ASN B 397 -34.09 -3.51 1.12
N LYS B 398 -35.06 -2.66 1.46
CA LYS B 398 -34.88 -1.71 2.54
C LYS B 398 -36.25 -1.35 3.11
N LEU B 399 -36.23 -0.66 4.24
CA LEU B 399 -37.44 -0.17 4.88
C LEU B 399 -37.82 1.17 4.29
N HIS B 400 -39.09 1.32 3.94
CA HIS B 400 -39.63 2.59 3.45
C HIS B 400 -41.05 2.74 3.99
N ASP B 401 -41.29 3.85 4.68
CA ASP B 401 -42.57 4.09 5.33
C ASP B 401 -43.08 2.83 6.04
N GLY B 402 -42.16 2.19 6.76
CA GLY B 402 -42.52 1.11 7.66
C GLY B 402 -42.69 -0.26 7.03
N ARG B 403 -42.40 -0.41 5.73
CA ARG B 403 -42.57 -1.69 5.06
C ARG B 403 -41.36 -2.00 4.20
N ILE B 404 -41.18 -3.28 3.91
CA ILE B 404 -40.03 -3.76 3.16
C ILE B 404 -40.32 -3.63 1.67
N VAL B 405 -39.45 -2.92 0.96
CA VAL B 405 -39.58 -2.76 -0.48
C VAL B 405 -38.27 -3.17 -1.14
N ASN B 406 -38.36 -3.58 -2.41
CA ASN B 406 -37.16 -3.84 -3.19
C ASN B 406 -36.37 -2.55 -3.38
N ALA B 407 -35.04 -2.65 -3.33
CA ALA B 407 -34.19 -1.48 -3.24
C ALA B 407 -34.00 -0.85 -4.62
N ASP B 408 -34.42 0.42 -4.74
CA ASP B 408 -34.29 1.13 -6.01
C ASP B 408 -32.84 1.34 -6.40
N GLY B 409 -31.95 1.50 -5.40
CA GLY B 409 -30.55 1.72 -5.72
C GLY B 409 -29.89 0.53 -6.37
N VAL B 410 -30.36 -0.68 -6.04
CA VAL B 410 -29.82 -1.87 -6.69
C VAL B 410 -30.24 -1.89 -8.16
N ARG B 411 -31.49 -1.51 -8.45
CA ARG B 411 -31.92 -1.42 -9.84
C ARG B 411 -31.09 -0.38 -10.59
N ARG B 412 -30.83 0.77 -9.97
CA ARG B 412 -30.07 1.82 -10.65
C ARG B 412 -28.67 1.33 -11.02
N GLU B 413 -28.01 0.62 -10.09
CA GLU B 413 -26.72 0.02 -10.42
C GLU B 413 -26.85 -0.96 -11.58
N PHE B 414 -27.94 -1.72 -11.62
CA PHE B 414 -28.21 -2.63 -12.74
C PHE B 414 -28.29 -1.86 -14.06
N GLN B 415 -29.03 -0.76 -14.08
CA GLN B 415 -29.19 0.02 -15.31
C GLN B 415 -27.85 0.61 -15.75
N ILE B 416 -27.12 1.24 -14.83
CA ILE B 416 -25.81 1.79 -15.15
C ILE B 416 -24.93 0.72 -15.77
N ALA B 417 -24.94 -0.48 -15.18
CA ALA B 417 -24.09 -1.56 -15.67
C ALA B 417 -24.48 -1.95 -17.10
N GLN B 418 -25.78 -2.14 -17.35
CA GLN B 418 -26.21 -2.51 -18.69
C GLN B 418 -25.89 -1.40 -19.69
N GLU B 419 -26.13 -0.15 -19.31
CA GLU B 419 -25.90 0.95 -20.23
C GLU B 419 -24.43 1.05 -20.64
N THR B 420 -23.53 0.55 -19.80
CA THR B 420 -22.10 0.74 -20.02
C THR B 420 -21.38 -0.54 -20.42
N GLY B 421 -22.11 -1.62 -20.69
CA GLY B 421 -21.49 -2.85 -21.13
C GLY B 421 -20.98 -3.75 -20.02
N VAL B 422 -21.33 -3.46 -18.77
CA VAL B 422 -20.96 -4.32 -17.66
C VAL B 422 -21.93 -5.50 -17.62
N VAL B 423 -21.38 -6.72 -17.66
CA VAL B 423 -22.22 -7.91 -17.57
C VAL B 423 -22.96 -7.89 -16.24
N VAL B 424 -24.28 -8.08 -16.29
CA VAL B 424 -25.10 -8.11 -15.09
C VAL B 424 -25.48 -9.56 -14.79
N LEU B 425 -25.33 -9.96 -13.54
CA LEU B 425 -25.59 -11.33 -13.09
C LEU B 425 -26.38 -11.27 -11.80
N PRO B 426 -27.68 -10.99 -11.88
CA PRO B 426 -28.53 -11.07 -10.68
C PRO B 426 -28.76 -12.52 -10.27
N LEU B 427 -28.78 -12.76 -8.97
CA LEU B 427 -29.02 -14.08 -8.41
C LEU B 427 -30.43 -14.08 -7.82
N GLY B 428 -31.41 -14.50 -8.63
CA GLY B 428 -32.80 -14.45 -8.21
C GLY B 428 -33.10 -15.29 -7.00
N VAL B 429 -32.31 -16.33 -6.74
CA VAL B 429 -32.56 -17.18 -5.58
C VAL B 429 -32.41 -16.41 -4.29
N THR B 430 -31.77 -15.24 -4.31
CA THR B 430 -31.65 -14.41 -3.12
C THR B 430 -32.84 -13.47 -2.95
N GLY B 431 -33.77 -13.46 -3.91
CA GLY B 431 -35.03 -12.76 -3.75
C GLY B 431 -34.93 -11.25 -3.95
N TYR B 432 -36.04 -10.58 -3.62
CA TYR B 432 -36.13 -9.12 -3.63
C TYR B 432 -35.66 -8.56 -4.96
N MET B 433 -34.92 -7.45 -4.97
CA MET B 433 -34.62 -6.79 -6.23
C MET B 433 -33.80 -7.70 -7.15
N ALA B 434 -32.92 -8.53 -6.58
CA ALA B 434 -32.19 -9.48 -7.40
C ALA B 434 -33.13 -10.38 -8.17
N LYS B 435 -34.21 -10.84 -7.51
CA LYS B 435 -35.20 -11.67 -8.20
C LYS B 435 -35.99 -10.86 -9.21
N GLU B 436 -36.39 -9.65 -8.85
CA GLU B 436 -37.09 -8.78 -9.78
C GLU B 436 -36.27 -8.55 -11.04
N LEU B 437 -34.96 -8.36 -10.88
CA LEU B 437 -34.11 -8.09 -12.05
C LEU B 437 -33.86 -9.34 -12.86
N ALA B 438 -33.58 -10.47 -12.18
CA ALA B 438 -33.39 -11.73 -12.90
C ALA B 438 -34.61 -12.06 -13.74
N ASP B 439 -35.81 -11.98 -13.15
CA ASP B 439 -37.02 -12.27 -13.90
C ASP B 439 -37.18 -11.32 -15.08
N GLU B 440 -36.81 -10.05 -14.89
CA GLU B 440 -36.93 -9.07 -15.97
C GLU B 440 -36.01 -9.43 -17.13
N MET B 441 -34.78 -9.85 -16.84
CA MET B 441 -33.87 -10.27 -17.89
C MET B 441 -34.46 -11.44 -18.67
N LEU B 442 -34.96 -12.45 -17.95
CA LEU B 442 -35.50 -13.64 -18.59
C LEU B 442 -36.77 -13.35 -19.38
N THR B 443 -37.41 -12.20 -19.15
CA THR B 443 -38.59 -11.83 -19.90
C THR B 443 -38.28 -11.41 -21.34
N ASP B 444 -37.06 -10.99 -21.62
CA ASP B 444 -36.65 -10.58 -22.96
C ASP B 444 -35.25 -11.10 -23.23
N PRO B 445 -35.10 -12.42 -23.42
CA PRO B 445 -33.75 -12.99 -23.57
C PRO B 445 -33.02 -12.46 -24.79
N SER B 446 -33.73 -12.20 -25.89
CA SER B 446 -33.08 -11.67 -27.08
C SER B 446 -32.48 -10.28 -26.83
N LYS B 447 -32.99 -9.55 -25.85
CA LYS B 447 -32.46 -8.23 -25.51
C LYS B 447 -31.32 -8.34 -24.51
N HIS B 448 -31.51 -9.10 -23.44
CA HIS B 448 -30.60 -9.07 -22.30
C HIS B 448 -29.43 -10.03 -22.43
N PHE B 449 -29.50 -11.01 -23.32
CA PHE B 449 -28.46 -12.02 -23.44
C PHE B 449 -27.90 -12.07 -24.86
N VAL B 450 -27.89 -10.93 -25.55
CA VAL B 450 -27.33 -10.88 -26.90
C VAL B 450 -25.87 -11.32 -26.88
N ARG B 451 -25.06 -10.66 -26.05
CA ARG B 451 -23.62 -10.87 -26.10
C ARG B 451 -23.22 -12.26 -25.60
N TYR B 452 -24.02 -12.86 -24.72
CA TYR B 452 -23.70 -14.15 -24.13
C TYR B 452 -24.96 -15.00 -24.05
N PRO B 453 -25.38 -15.58 -25.18
CA PRO B 453 -26.65 -16.33 -25.17
C PRO B 453 -26.67 -17.48 -24.17
N TRP B 454 -25.52 -18.11 -23.92
CA TRP B 454 -25.48 -19.23 -22.98
C TRP B 454 -25.82 -18.79 -21.55
N LEU B 455 -25.79 -17.48 -21.27
CA LEU B 455 -26.01 -17.00 -19.92
C LEU B 455 -27.49 -17.01 -19.53
N GLU B 456 -28.40 -17.03 -20.50
CA GLU B 456 -29.83 -17.07 -20.17
C GLU B 456 -30.14 -18.28 -19.29
N LYS B 457 -29.64 -19.46 -19.69
CA LYS B 457 -29.92 -20.67 -18.92
C LYS B 457 -29.33 -20.57 -17.52
N GLU B 458 -28.12 -20.02 -17.41
CA GLU B 458 -27.49 -19.90 -16.09
C GLU B 458 -28.29 -18.97 -15.19
N VAL B 459 -28.68 -17.81 -15.69
CA VAL B 459 -29.47 -16.89 -14.88
C VAL B 459 -30.81 -17.50 -14.51
N ALA B 460 -31.38 -18.33 -15.39
CA ALA B 460 -32.66 -18.96 -15.10
C ALA B 460 -32.53 -19.97 -13.96
N GLN B 461 -31.47 -20.78 -13.99
CA GLN B 461 -31.26 -21.74 -12.91
C GLN B 461 -31.04 -21.01 -11.59
N LEU B 462 -30.24 -19.95 -11.60
CA LEU B 462 -29.95 -19.20 -10.39
C LEU B 462 -31.11 -18.32 -9.94
N ALA B 463 -32.11 -18.09 -10.80
CA ALA B 463 -33.29 -17.34 -10.39
C ALA B 463 -34.35 -18.23 -9.76
N ASP B 464 -34.22 -19.54 -9.87
CA ASP B 464 -35.17 -20.47 -9.26
C ASP B 464 -35.06 -20.42 -7.74
N LEU B 465 -36.14 -20.02 -7.08
CA LEU B 465 -36.10 -19.84 -5.64
C LEU B 465 -35.80 -21.14 -4.90
N SER B 466 -36.03 -22.29 -5.53
CA SER B 466 -35.66 -23.57 -4.94
C SER B 466 -34.29 -24.05 -5.38
N ALA B 467 -33.50 -23.19 -6.01
CA ALA B 467 -32.16 -23.58 -6.43
C ALA B 467 -31.34 -24.04 -5.23
N ASN B 468 -30.44 -24.99 -5.49
CA ASN B 468 -29.59 -25.54 -4.43
C ASN B 468 -28.56 -24.51 -4.03
N ARG B 469 -28.65 -24.01 -2.80
CA ARG B 469 -27.82 -22.90 -2.36
C ARG B 469 -26.36 -23.29 -2.19
N ALA B 470 -26.06 -24.58 -1.97
CA ALA B 470 -24.68 -24.99 -1.80
C ALA B 470 -23.88 -24.92 -3.09
N ASN B 471 -24.54 -24.98 -4.25
CA ASN B 471 -23.86 -24.97 -5.54
C ASN B 471 -23.84 -23.60 -6.19
N ILE B 472 -24.40 -22.57 -5.54
CA ILE B 472 -24.41 -21.24 -6.14
C ILE B 472 -22.99 -20.78 -6.42
N GLU B 473 -22.11 -20.89 -5.43
CA GLU B 473 -20.77 -20.34 -5.56
C GLU B 473 -20.04 -20.93 -6.74
N MET B 474 -20.07 -22.26 -6.87
CA MET B 474 -19.33 -22.88 -7.97
C MET B 474 -19.94 -22.51 -9.33
N LYS B 475 -21.27 -22.38 -9.42
CA LYS B 475 -21.85 -21.97 -10.70
C LYS B 475 -21.45 -20.53 -11.04
N VAL B 476 -21.47 -19.64 -10.04
CA VAL B 476 -21.00 -18.27 -10.27
C VAL B 476 -19.57 -18.29 -10.78
N LEU B 477 -18.70 -19.07 -10.12
CA LEU B 477 -17.29 -19.11 -10.52
C LEU B 477 -17.13 -19.61 -11.95
N GLU B 478 -17.91 -20.62 -12.34
CA GLU B 478 -17.83 -21.12 -13.71
C GLU B 478 -18.34 -20.09 -14.70
N ILE B 479 -19.37 -19.32 -14.30
CA ILE B 479 -19.87 -18.27 -15.17
C ILE B 479 -18.82 -17.21 -15.38
N LEU B 480 -18.21 -16.72 -14.29
CA LEU B 480 -17.24 -15.64 -14.41
C LEU B 480 -16.04 -16.06 -15.27
N LYS B 481 -15.57 -17.30 -15.10
CA LYS B 481 -14.43 -17.75 -15.89
C LYS B 481 -14.78 -17.80 -17.36
N LYS B 482 -16.00 -18.24 -17.70
CA LYS B 482 -16.40 -18.30 -19.10
C LYS B 482 -16.57 -16.89 -19.68
N LEU B 483 -17.06 -15.95 -18.87
CA LEU B 483 -17.19 -14.57 -19.33
C LEU B 483 -15.83 -13.95 -19.63
N GLY B 484 -14.75 -14.51 -19.09
CA GLY B 484 -13.43 -13.96 -19.30
C GLY B 484 -12.64 -14.64 -20.40
#